data_9C1B
#
_entry.id   9C1B
#
_cell.length_a   53.724
_cell.length_b   55.604
_cell.length_c   67.770
_cell.angle_alpha   103.737
_cell.angle_beta   90.141
_cell.angle_gamma   93.636
#
_symmetry.space_group_name_H-M   'P 1'
#
loop_
_entity.id
_entity.type
_entity.pdbx_description
1 polymer 'Ras-related protein M-Ras'
2 non-polymer 'MAGNESIUM ION'
3 non-polymer "GUANOSINE-5'-DIPHOSPHATE"
4 non-polymer 'TRIETHYLENE GLYCOL'
5 non-polymer 'TETRAETHYLENE GLYCOL'
6 non-polymer DI(HYDROXYETHYL)ETHER
7 water water
#
_entity_poly.entity_id   1
_entity_poly.type   'polypeptide(L)'
_entity_poly.pdbx_seq_one_letter_code
;MGHHHHHHENLYFQGMATSAVPSDNLPTYKLVVVGDGGVGKSALTIQFFQKIFVPDYDPTIEDSYLKHTEIDNQWAILDV
LDTAGQEEFSAMREQYMRTGDGFLIVYSVTDKASFEHVDRFHQLILRVKDRESFPMILVANKVDLMHLRKITREQGKEMA
TKHNIPYIETSAKDPPLNVDKAFHDLVRVIRQQIPEKSQKKKKKTKWRGDRATGTHKLQ
;
_entity_poly.pdbx_strand_id   A,B,C,D
#
loop_
_chem_comp.id
_chem_comp.type
_chem_comp.name
_chem_comp.formula
GDP RNA linking GUANOSINE-5'-DIPHOSPHATE 'C10 H15 N5 O11 P2'
MG non-polymer 'MAGNESIUM ION' 'Mg 2'
PEG non-polymer DI(HYDROXYETHYL)ETHER 'C4 H10 O3'
PG4 non-polymer 'TETRAETHYLENE GLYCOL' 'C8 H18 O5'
PGE non-polymer 'TRIETHYLENE GLYCOL' 'C6 H14 O4'
#
# COMPACT_ATOMS: atom_id res chain seq x y z
N ASN A 25 -42.25 0.71 -36.79
CA ASN A 25 -41.21 1.15 -35.88
C ASN A 25 -39.92 0.38 -36.12
N LEU A 26 -38.85 1.10 -36.46
CA LEU A 26 -37.56 0.49 -36.75
C LEU A 26 -36.87 0.08 -35.45
N PRO A 27 -36.06 -0.99 -35.51
CA PRO A 27 -35.22 -1.31 -34.35
C PRO A 27 -34.05 -0.34 -34.24
N THR A 28 -33.60 -0.12 -33.01
CA THR A 28 -32.48 0.76 -32.73
C THR A 28 -31.37 -0.06 -32.11
N TYR A 29 -30.26 -0.20 -32.82
CA TYR A 29 -29.09 -0.93 -32.35
C TYR A 29 -28.08 0.07 -31.80
N LYS A 30 -27.80 -0.03 -30.51
CA LYS A 30 -26.82 0.83 -29.85
C LYS A 30 -25.48 0.10 -29.81
N LEU A 31 -24.49 0.68 -30.50
CA LEU A 31 -23.18 0.06 -30.62
C LEU A 31 -22.13 0.97 -30.00
N VAL A 32 -21.05 0.36 -29.51
CA VAL A 32 -19.94 1.07 -28.89
C VAL A 32 -18.65 0.70 -29.62
N VAL A 33 -17.88 1.71 -30.00
CA VAL A 33 -16.58 1.52 -30.64
C VAL A 33 -15.52 1.70 -29.56
N VAL A 34 -14.89 0.60 -29.16
CA VAL A 34 -13.89 0.63 -28.09
C VAL A 34 -12.54 0.23 -28.67
N GLY A 35 -11.50 0.60 -27.96
CA GLY A 35 -10.13 0.35 -28.38
C GLY A 35 -9.20 1.40 -27.84
N ASP A 36 -7.90 1.11 -27.93
CA ASP A 36 -6.89 2.06 -27.50
C ASP A 36 -6.92 3.32 -28.35
N GLY A 37 -6.31 4.38 -27.84
CA GLY A 37 -6.24 5.61 -28.60
C GLY A 37 -5.36 5.46 -29.82
N GLY A 38 -5.77 6.12 -30.90
CA GLY A 38 -4.98 6.13 -32.13
C GLY A 38 -5.15 4.91 -33.02
N VAL A 39 -6.02 3.96 -32.67
CA VAL A 39 -6.23 2.80 -33.53
C VAL A 39 -7.12 3.12 -34.72
N GLY A 40 -7.93 4.18 -34.64
CA GLY A 40 -8.76 4.58 -35.76
C GLY A 40 -10.24 4.51 -35.48
N LYS A 41 -10.62 4.58 -34.20
CA LYS A 41 -12.04 4.50 -33.84
C LYS A 41 -12.82 5.67 -34.44
N SER A 42 -12.30 6.89 -34.27
CA SER A 42 -13.00 8.07 -34.78
C SER A 42 -13.06 8.06 -36.30
N ALA A 43 -11.94 7.72 -36.96
CA ALA A 43 -11.91 7.70 -38.41
C ALA A 43 -12.89 6.67 -38.97
N LEU A 44 -12.93 5.48 -38.39
CA LEU A 44 -13.88 4.46 -38.82
C LEU A 44 -15.31 4.91 -38.59
N THR A 45 -15.57 5.57 -37.46
CA THR A 45 -16.92 6.04 -37.17
C THR A 45 -17.34 7.16 -38.12
N ILE A 46 -16.45 8.11 -38.38
CA ILE A 46 -16.75 9.18 -39.32
C ILE A 46 -16.92 8.62 -40.73
N GLN A 47 -16.09 7.65 -41.10
CA GLN A 47 -16.20 7.03 -42.42
C GLN A 47 -17.52 6.27 -42.57
N PHE A 48 -18.07 5.75 -41.47
CA PHE A 48 -19.32 5.01 -41.54
C PHE A 48 -20.52 5.94 -41.58
N PHE A 49 -20.48 7.04 -40.82
CA PHE A 49 -21.62 7.93 -40.70
C PHE A 49 -21.59 9.07 -41.71
N GLN A 50 -20.42 9.68 -41.93
CA GLN A 50 -20.29 10.81 -42.84
C GLN A 50 -19.62 10.45 -44.16
N LYS A 51 -19.07 9.23 -44.29
CA LYS A 51 -18.53 8.72 -45.55
C LYS A 51 -17.37 9.56 -46.07
N ILE A 52 -16.58 10.14 -45.15
CA ILE A 52 -15.37 10.86 -45.52
C ILE A 52 -14.27 10.44 -44.54
N PHE A 53 -13.02 10.60 -44.99
CA PHE A 53 -11.86 10.31 -44.16
C PHE A 53 -11.34 11.60 -43.55
N VAL A 54 -11.38 11.68 -42.23
CA VAL A 54 -10.86 12.84 -41.50
C VAL A 54 -9.57 12.43 -40.79
N PRO A 55 -8.40 12.71 -41.38
CA PRO A 55 -7.14 12.34 -40.72
C PRO A 55 -6.86 13.22 -39.52
N ASP A 56 -6.20 12.63 -38.52
CA ASP A 56 -5.78 13.34 -37.31
C ASP A 56 -6.95 13.96 -36.57
N TYR A 57 -8.11 13.30 -36.61
CA TYR A 57 -9.26 13.76 -35.85
C TYR A 57 -8.90 13.89 -34.38
N ASP A 58 -9.42 14.93 -33.73
CA ASP A 58 -8.98 15.26 -32.37
C ASP A 58 -9.18 14.07 -31.45
N PRO A 59 -8.14 13.65 -30.72
CA PRO A 59 -8.21 12.37 -29.98
C PRO A 59 -9.06 12.41 -28.73
N THR A 60 -9.63 13.54 -28.36
CA THR A 60 -10.25 13.68 -27.05
C THR A 60 -11.76 13.61 -27.04
N ILE A 61 -12.44 13.95 -28.16
CA ILE A 61 -13.89 13.95 -28.15
C ILE A 61 -14.43 12.54 -28.05
N GLU A 62 -15.37 12.34 -27.13
CA GLU A 62 -16.13 11.10 -27.02
C GLU A 62 -17.58 11.48 -27.32
N ASP A 63 -17.97 11.36 -28.58
CA ASP A 63 -19.31 11.72 -29.03
C ASP A 63 -20.04 10.50 -29.56
N SER A 64 -21.34 10.65 -29.77
CA SER A 64 -22.18 9.60 -30.31
C SER A 64 -22.76 10.05 -31.65
N TYR A 65 -23.08 9.07 -32.49
CA TYR A 65 -23.62 9.32 -33.82
C TYR A 65 -24.90 8.54 -34.01
N LEU A 66 -25.83 9.12 -34.77
CA LEU A 66 -27.15 8.53 -34.97
C LEU A 66 -27.58 8.74 -36.42
N LYS A 67 -27.90 7.65 -37.10
CA LYS A 67 -28.36 7.74 -38.48
C LYS A 67 -29.18 6.50 -38.82
N HIS A 68 -30.01 6.64 -39.86
CA HIS A 68 -30.76 5.51 -40.38
C HIS A 68 -29.90 4.71 -41.34
N THR A 69 -29.86 3.39 -41.14
CA THR A 69 -28.98 2.51 -41.89
C THR A 69 -29.76 1.30 -42.40
N GLU A 70 -29.52 0.94 -43.66
CA GLU A 70 -30.14 -0.25 -44.25
C GLU A 70 -29.09 -1.37 -44.27
N ILE A 71 -29.37 -2.44 -43.52
CA ILE A 71 -28.48 -3.60 -43.45
C ILE A 71 -29.29 -4.81 -43.87
N ASP A 72 -28.82 -5.49 -44.94
CA ASP A 72 -29.52 -6.66 -45.50
C ASP A 72 -30.95 -6.31 -45.88
N ASN A 73 -31.13 -5.13 -46.47
CA ASN A 73 -32.44 -4.62 -46.90
C ASN A 73 -33.42 -4.49 -45.74
N GLN A 74 -32.92 -4.38 -44.52
CA GLN A 74 -33.73 -4.09 -43.34
C GLN A 74 -33.22 -2.81 -42.71
N TRP A 75 -34.10 -1.81 -42.60
CA TRP A 75 -33.71 -0.52 -42.07
C TRP A 75 -33.64 -0.56 -40.55
N ALA A 76 -32.73 0.25 -40.00
CA ALA A 76 -32.54 0.31 -38.56
C ALA A 76 -31.87 1.63 -38.20
N ILE A 77 -32.01 2.02 -36.94
CA ILE A 77 -31.35 3.18 -36.39
C ILE A 77 -30.11 2.72 -35.64
N LEU A 78 -28.95 3.27 -35.98
CA LEU A 78 -27.68 2.90 -35.36
C LEU A 78 -27.22 4.02 -34.44
N ASP A 79 -27.15 3.73 -33.15
CA ASP A 79 -26.69 4.67 -32.14
C ASP A 79 -25.29 4.24 -31.71
N VAL A 80 -24.27 4.86 -32.30
CA VAL A 80 -22.89 4.45 -32.13
C VAL A 80 -22.14 5.50 -31.32
N LEU A 81 -21.47 5.05 -30.26
CA LEU A 81 -20.63 5.92 -29.44
C LEU A 81 -19.17 5.68 -29.77
N ASP A 82 -18.47 6.73 -30.20
CA ASP A 82 -17.05 6.68 -30.45
C ASP A 82 -16.31 7.05 -29.17
N THR A 83 -15.67 6.07 -28.55
CA THR A 83 -15.08 6.27 -27.23
C THR A 83 -13.77 7.05 -27.32
N ALA A 84 -13.45 7.74 -26.22
CA ALA A 84 -12.20 8.47 -26.08
C ALA A 84 -11.96 8.73 -24.60
N GLY A 85 -10.79 9.26 -24.30
CA GLY A 85 -10.43 9.57 -22.92
C GLY A 85 -9.41 8.62 -22.34
N GLU A 88 -10.63 8.25 -18.33
CA GLU A 88 -10.90 7.88 -16.94
C GLU A 88 -12.32 7.36 -16.78
N PHE A 89 -13.22 8.23 -16.33
CA PHE A 89 -14.62 7.90 -16.16
C PHE A 89 -15.48 8.85 -16.96
N SER A 90 -16.54 8.32 -17.57
CA SER A 90 -17.47 9.12 -18.36
C SER A 90 -18.88 8.56 -18.19
N ALA A 91 -19.82 9.44 -17.90
CA ALA A 91 -21.21 9.01 -17.75
C ALA A 91 -21.78 8.48 -19.06
N MET A 92 -21.51 9.21 -20.17
CA MET A 92 -21.97 8.75 -21.48
C MET A 92 -21.36 7.40 -21.84
N ARG A 93 -20.05 7.26 -21.65
CA ARG A 93 -19.41 5.97 -21.89
C ARG A 93 -19.97 4.90 -20.97
N GLU A 94 -20.31 5.26 -19.73
CA GLU A 94 -20.83 4.27 -18.79
C GLU A 94 -22.18 3.73 -19.25
N GLN A 95 -23.09 4.62 -19.63
CA GLN A 95 -24.41 4.18 -20.07
C GLN A 95 -24.31 3.34 -21.34
N TYR A 96 -23.62 3.86 -22.36
CA TYR A 96 -23.51 3.15 -23.63
C TYR A 96 -22.89 1.77 -23.45
N MET A 97 -21.98 1.60 -22.49
CA MET A 97 -21.44 0.27 -22.21
C MET A 97 -22.48 -0.63 -21.57
N ARG A 98 -23.42 -0.07 -20.81
CA ARG A 98 -24.40 -0.88 -20.08
C ARG A 98 -25.56 -1.29 -20.97
N THR A 99 -26.16 -0.33 -21.68
CA THR A 99 -27.30 -0.61 -22.54
C THR A 99 -26.91 -0.90 -23.98
N GLY A 100 -25.61 -1.04 -24.26
CA GLY A 100 -25.19 -1.34 -25.61
C GLY A 100 -25.61 -2.73 -26.05
N ASP A 101 -25.90 -2.86 -27.34
CA ASP A 101 -26.30 -4.14 -27.91
C ASP A 101 -25.17 -4.86 -28.62
N GLY A 102 -24.12 -4.13 -29.01
CA GLY A 102 -22.98 -4.74 -29.68
C GLY A 102 -21.78 -3.84 -29.54
N PHE A 103 -20.59 -4.43 -29.66
CA PHE A 103 -19.34 -3.70 -29.46
C PHE A 103 -18.39 -3.96 -30.62
N LEU A 104 -17.61 -2.94 -30.96
CA LEU A 104 -16.55 -3.03 -31.96
C LEU A 104 -15.21 -2.90 -31.22
N ILE A 105 -14.51 -4.02 -31.06
CA ILE A 105 -13.19 -4.03 -30.42
C ILE A 105 -12.17 -3.78 -31.52
N VAL A 106 -11.67 -2.56 -31.60
CA VAL A 106 -10.80 -2.13 -32.68
C VAL A 106 -9.36 -2.06 -32.19
N TYR A 107 -8.43 -2.52 -33.04
CA TYR A 107 -7.01 -2.33 -32.81
C TYR A 107 -6.35 -2.01 -34.14
N SER A 108 -5.11 -1.52 -34.07
CA SER A 108 -4.34 -1.17 -35.25
C SER A 108 -3.26 -2.23 -35.46
N VAL A 109 -3.18 -2.73 -36.70
CA VAL A 109 -2.17 -3.74 -37.04
C VAL A 109 -0.76 -3.22 -36.95
N THR A 110 -0.58 -1.91 -36.74
CA THR A 110 0.72 -1.30 -36.53
C THR A 110 1.03 -1.08 -35.06
N ASP A 111 0.11 -1.44 -34.16
CA ASP A 111 0.23 -1.14 -32.72
C ASP A 111 0.08 -2.46 -31.97
N LYS A 112 1.21 -3.01 -31.51
CA LYS A 112 1.17 -4.28 -30.79
C LYS A 112 0.46 -4.13 -29.45
N ALA A 113 0.58 -2.97 -28.80
CA ALA A 113 -0.11 -2.77 -27.53
C ALA A 113 -1.62 -2.70 -27.70
N SER A 114 -2.09 -2.22 -28.85
CA SER A 114 -3.53 -2.22 -29.12
C SER A 114 -4.05 -3.63 -29.25
N PHE A 115 -3.25 -4.56 -29.76
CA PHE A 115 -3.64 -5.96 -29.79
C PHE A 115 -3.57 -6.58 -28.40
N GLU A 116 -2.56 -6.20 -27.62
CA GLU A 116 -2.39 -6.76 -26.28
C GLU A 116 -3.57 -6.42 -25.38
N HIS A 117 -4.25 -5.31 -25.65
CA HIS A 117 -5.39 -4.88 -24.85
C HIS A 117 -6.73 -5.39 -25.38
N VAL A 118 -6.71 -6.26 -26.39
CA VAL A 118 -7.96 -6.83 -26.89
C VAL A 118 -8.63 -7.68 -25.83
N ASP A 119 -7.84 -8.52 -25.13
CA ASP A 119 -8.39 -9.30 -24.04
C ASP A 119 -8.94 -8.41 -22.94
N ARG A 120 -8.23 -7.33 -22.60
CA ARG A 120 -8.69 -6.42 -21.56
C ARG A 120 -10.04 -5.82 -21.91
N PHE A 121 -10.20 -5.38 -23.17
CA PHE A 121 -11.49 -4.84 -23.60
C PHE A 121 -12.56 -5.92 -23.64
N HIS A 122 -12.17 -7.16 -23.96
CA HIS A 122 -13.11 -8.28 -24.00
C HIS A 122 -13.70 -8.54 -22.61
N GLN A 123 -12.87 -8.48 -21.56
CA GLN A 123 -13.35 -8.74 -20.21
C GLN A 123 -14.20 -7.59 -19.68
N LEU A 124 -13.88 -6.35 -20.06
CA LEU A 124 -14.65 -5.21 -19.59
C LEU A 124 -16.08 -5.26 -20.11
N ILE A 125 -16.26 -5.65 -21.37
CA ILE A 125 -17.60 -5.75 -21.95
C ILE A 125 -18.39 -6.84 -21.24
N LEU A 126 -17.80 -8.02 -21.07
CA LEU A 126 -18.47 -9.12 -20.40
C LEU A 126 -18.74 -8.79 -18.93
N ARG A 127 -17.91 -7.95 -18.32
CA ARG A 127 -18.16 -7.53 -16.95
C ARG A 127 -19.31 -6.53 -16.88
N VAL A 128 -19.29 -5.53 -17.76
CA VAL A 128 -20.33 -4.49 -17.74
C VAL A 128 -21.69 -5.11 -18.07
N LYS A 129 -21.75 -5.98 -19.06
CA LYS A 129 -23.00 -6.63 -19.42
C LYS A 129 -23.32 -7.82 -18.53
N ASP A 130 -22.34 -8.33 -17.78
CA ASP A 130 -22.52 -9.47 -16.89
C ASP A 130 -23.05 -10.69 -17.64
N ARG A 131 -22.35 -11.03 -18.73
CA ARG A 131 -22.72 -12.17 -19.55
C ARG A 131 -21.45 -12.94 -19.92
N GLU A 132 -21.63 -14.20 -20.32
CA GLU A 132 -20.50 -15.00 -20.77
C GLU A 132 -20.16 -14.72 -22.23
N SER A 133 -21.15 -14.32 -23.03
CA SER A 133 -20.92 -13.98 -24.42
C SER A 133 -21.87 -12.86 -24.82
N PHE A 134 -21.35 -11.89 -25.57
CA PHE A 134 -22.13 -10.78 -26.06
C PHE A 134 -21.67 -10.45 -27.48
N PRO A 135 -22.56 -9.92 -28.31
CA PRO A 135 -22.18 -9.57 -29.69
C PRO A 135 -21.01 -8.59 -29.73
N MET A 136 -19.94 -8.99 -30.39
CA MET A 136 -18.81 -8.13 -30.69
C MET A 136 -18.06 -8.68 -31.90
N ILE A 137 -17.35 -7.79 -32.58
CA ILE A 137 -16.55 -8.14 -33.74
C ILE A 137 -15.15 -7.59 -33.53
N LEU A 138 -14.15 -8.36 -33.95
CA LEU A 138 -12.75 -7.98 -33.83
C LEU A 138 -12.35 -7.25 -35.11
N VAL A 139 -12.04 -5.96 -34.97
CA VAL A 139 -11.72 -5.10 -36.11
C VAL A 139 -10.22 -4.81 -36.08
N ALA A 140 -9.53 -5.16 -37.16
CA ALA A 140 -8.10 -4.91 -37.31
C ALA A 140 -7.94 -3.78 -38.32
N ASN A 141 -7.63 -2.59 -37.83
CA ASN A 141 -7.60 -1.39 -38.65
C ASN A 141 -6.19 -1.11 -39.17
N LYS A 142 -6.11 -0.17 -40.12
CA LYS A 142 -4.87 0.32 -40.71
C LYS A 142 -4.17 -0.77 -41.54
N VAL A 143 -4.93 -1.67 -42.15
CA VAL A 143 -4.34 -2.70 -43.00
C VAL A 143 -3.81 -2.17 -44.31
N ASP A 144 -4.01 -0.88 -44.60
CA ASP A 144 -3.38 -0.26 -45.75
C ASP A 144 -1.90 -0.05 -45.53
N LEU A 145 -1.45 -0.04 -44.28
CA LEU A 145 -0.03 0.15 -43.95
C LEU A 145 0.64 -1.21 -43.82
N MET A 146 0.73 -1.91 -44.96
CA MET A 146 1.34 -3.23 -44.97
C MET A 146 2.82 -3.18 -44.64
N HIS A 147 3.52 -2.13 -45.06
CA HIS A 147 4.94 -1.98 -44.77
C HIS A 147 5.20 -1.66 -43.30
N LEU A 148 4.17 -1.44 -42.50
CA LEU A 148 4.31 -1.17 -41.08
C LEU A 148 3.50 -2.13 -40.22
N ARG A 149 2.97 -3.21 -40.81
CA ARG A 149 2.12 -4.12 -40.07
C ARG A 149 2.94 -4.93 -39.08
N LYS A 150 2.49 -4.96 -37.83
CA LYS A 150 3.13 -5.74 -36.78
C LYS A 150 2.26 -6.86 -36.24
N ILE A 151 0.93 -6.73 -36.32
CA ILE A 151 0.01 -7.77 -35.91
C ILE A 151 -0.47 -8.50 -37.16
N THR A 152 -0.32 -9.83 -37.17
CA THR A 152 -0.55 -10.64 -38.35
C THR A 152 -2.02 -11.05 -38.44
N ARG A 153 -2.41 -11.48 -39.65
CA ARG A 153 -3.76 -11.99 -39.85
C ARG A 153 -4.00 -13.25 -39.03
N GLU A 154 -3.00 -14.14 -38.98
CA GLU A 154 -3.12 -15.34 -38.16
C GLU A 154 -3.27 -14.99 -36.68
N GLN A 155 -2.60 -13.93 -36.24
CA GLN A 155 -2.74 -13.47 -34.86
C GLN A 155 -4.17 -13.01 -34.58
N GLY A 156 -4.69 -12.12 -35.43
CA GLY A 156 -6.05 -11.64 -35.22
C GLY A 156 -7.09 -12.74 -35.35
N LYS A 157 -6.89 -13.66 -36.28
CA LYS A 157 -7.81 -14.77 -36.43
C LYS A 157 -7.77 -15.67 -35.20
N GLU A 158 -6.58 -15.89 -34.65
CA GLU A 158 -6.45 -16.71 -33.45
C GLU A 158 -7.11 -16.04 -32.25
N MET A 159 -6.90 -14.72 -32.10
CA MET A 159 -7.54 -14.01 -31.00
C MET A 159 -9.05 -14.00 -31.16
N ALA A 160 -9.54 -13.88 -32.40
CA ALA A 160 -10.97 -13.94 -32.64
C ALA A 160 -11.52 -15.34 -32.40
N THR A 161 -10.79 -16.37 -32.84
CA THR A 161 -11.23 -17.75 -32.60
C THR A 161 -11.26 -18.06 -31.11
N LYS A 162 -10.33 -17.49 -30.34
CA LYS A 162 -10.31 -17.73 -28.90
C LYS A 162 -11.55 -17.15 -28.23
N HIS A 163 -11.95 -15.94 -28.61
CA HIS A 163 -13.10 -15.28 -28.03
C HIS A 163 -14.41 -15.63 -28.73
N ASN A 164 -14.36 -16.44 -29.78
CA ASN A 164 -15.55 -16.88 -30.52
C ASN A 164 -16.34 -15.67 -31.06
N ILE A 165 -15.61 -14.76 -31.71
CA ILE A 165 -16.22 -13.56 -32.27
C ILE A 165 -15.72 -13.41 -33.70
N PRO A 166 -16.46 -12.67 -34.54
CA PRO A 166 -16.01 -12.47 -35.92
C PRO A 166 -14.77 -11.59 -35.99
N TYR A 167 -14.02 -11.77 -37.08
CA TYR A 167 -12.81 -11.01 -37.36
C TYR A 167 -12.93 -10.35 -38.73
N ILE A 168 -12.48 -9.10 -38.83
CA ILE A 168 -12.52 -8.37 -40.08
C ILE A 168 -11.38 -7.35 -40.10
N GLU A 169 -10.86 -7.10 -41.29
CA GLU A 169 -9.79 -6.13 -41.49
C GLU A 169 -10.35 -4.89 -42.17
N THR A 170 -10.07 -3.73 -41.61
CA THR A 170 -10.63 -2.47 -42.09
C THR A 170 -9.53 -1.47 -42.37
N SER A 171 -9.89 -0.41 -43.09
CA SER A 171 -9.02 0.73 -43.31
C SER A 171 -9.90 1.95 -43.54
N ALA A 172 -9.73 2.97 -42.69
CA ALA A 172 -10.52 4.19 -42.81
C ALA A 172 -9.91 5.19 -43.77
N LYS A 173 -8.61 5.07 -44.06
CA LYS A 173 -7.97 5.97 -45.01
C LYS A 173 -8.58 5.79 -46.40
N ASP A 174 -8.70 6.89 -47.13
CA ASP A 174 -9.23 6.84 -48.48
C ASP A 174 -8.23 6.16 -49.41
N PRO A 175 -8.64 5.16 -50.20
CA PRO A 175 -10.01 4.65 -50.26
C PRO A 175 -10.31 3.62 -49.17
N PRO A 176 -11.49 3.72 -48.56
CA PRO A 176 -11.79 2.87 -47.39
C PRO A 176 -11.96 1.42 -47.77
N LEU A 177 -11.89 0.57 -46.76
CA LEU A 177 -12.05 -0.88 -46.93
C LEU A 177 -12.81 -1.44 -45.74
N ASN A 178 -13.96 -2.05 -46.02
CA ASN A 178 -14.73 -2.85 -45.06
C ASN A 178 -15.29 -2.05 -43.90
N VAL A 179 -15.41 -0.72 -44.05
CA VAL A 179 -15.96 0.09 -42.96
C VAL A 179 -17.42 -0.26 -42.73
N ASP A 180 -18.23 -0.25 -43.78
CA ASP A 180 -19.64 -0.61 -43.65
C ASP A 180 -19.81 -2.05 -43.21
N LYS A 181 -18.98 -2.95 -43.76
CA LYS A 181 -19.11 -4.36 -43.43
C LYS A 181 -18.81 -4.64 -41.97
N ALA A 182 -17.90 -3.88 -41.36
CA ALA A 182 -17.58 -4.06 -39.95
C ALA A 182 -18.80 -3.76 -39.08
N PHE A 183 -19.48 -2.65 -39.35
CA PHE A 183 -20.66 -2.30 -38.57
C PHE A 183 -21.84 -3.20 -38.92
N HIS A 184 -21.99 -3.55 -40.20
CA HIS A 184 -23.10 -4.40 -40.62
C HIS A 184 -22.98 -5.80 -40.05
N ASP A 185 -21.76 -6.33 -39.97
CA ASP A 185 -21.58 -7.70 -39.47
C ASP A 185 -21.92 -7.79 -37.99
N LEU A 186 -21.65 -6.73 -37.21
CA LEU A 186 -22.06 -6.73 -35.82
C LEU A 186 -23.58 -6.74 -35.69
N VAL A 187 -24.26 -5.95 -36.52
CA VAL A 187 -25.72 -5.93 -36.51
C VAL A 187 -26.26 -7.30 -36.89
N ARG A 188 -25.61 -7.98 -37.84
CA ARG A 188 -26.01 -9.34 -38.18
C ARG A 188 -25.89 -10.28 -36.98
N VAL A 189 -24.83 -10.12 -36.19
CA VAL A 189 -24.67 -10.95 -35.00
C VAL A 189 -25.77 -10.65 -33.99
N ILE A 190 -26.12 -9.37 -33.83
CA ILE A 190 -27.19 -8.99 -32.91
C ILE A 190 -28.52 -9.59 -33.38
N ARG A 191 -28.78 -9.56 -34.69
CA ARG A 191 -30.04 -10.06 -35.20
C ARG A 191 -30.12 -11.59 -35.11
N GLN A 192 -28.99 -12.28 -35.25
CA GLN A 192 -28.97 -13.74 -35.18
C GLN A 192 -29.12 -14.27 -33.76
N GLN A 193 -29.37 -13.41 -32.77
CA GLN A 193 -29.52 -13.85 -31.39
C GLN A 193 -30.82 -13.32 -30.80
N ASN B 25 21.81 -5.31 9.51
CA ASN B 25 23.03 -4.53 9.33
C ASN B 25 22.89 -3.53 8.19
N LEU B 26 22.61 -4.05 7.00
CA LEU B 26 22.43 -3.22 5.80
C LEU B 26 20.95 -3.11 5.46
N PRO B 27 20.48 -1.91 5.12
CA PRO B 27 19.07 -1.76 4.74
C PRO B 27 18.81 -2.37 3.37
N THR B 28 17.58 -2.85 3.20
CA THR B 28 17.13 -3.41 1.93
C THR B 28 16.01 -2.53 1.38
N TYR B 29 16.20 -2.03 0.17
CA TYR B 29 15.20 -1.23 -0.52
C TYR B 29 14.57 -2.08 -1.61
N LYS B 30 13.25 -2.27 -1.53
CA LYS B 30 12.50 -3.03 -2.53
C LYS B 30 11.90 -2.05 -3.52
N LEU B 31 12.43 -2.05 -4.75
CA LEU B 31 11.97 -1.17 -5.80
C LEU B 31 11.21 -1.97 -6.85
N VAL B 32 10.21 -1.34 -7.46
CA VAL B 32 9.38 -1.96 -8.48
C VAL B 32 9.44 -1.10 -9.74
N VAL B 33 9.85 -1.70 -10.85
CA VAL B 33 9.89 -1.01 -12.14
C VAL B 33 8.57 -1.31 -12.86
N VAL B 34 7.77 -0.27 -13.09
CA VAL B 34 6.47 -0.42 -13.72
C VAL B 34 6.44 0.40 -15.00
N GLY B 35 5.52 0.04 -15.88
CA GLY B 35 5.35 0.70 -17.15
C GLY B 35 4.83 -0.27 -18.20
N ASP B 36 4.33 0.30 -19.30
CA ASP B 36 3.85 -0.52 -20.41
C ASP B 36 4.99 -1.35 -20.99
N GLY B 37 4.62 -2.38 -21.73
CA GLY B 37 5.60 -3.21 -22.39
C GLY B 37 6.31 -2.47 -23.50
N GLY B 38 7.59 -2.81 -23.67
CA GLY B 38 8.40 -2.23 -24.73
C GLY B 38 9.05 -0.91 -24.42
N VAL B 39 8.81 -0.34 -23.24
CA VAL B 39 9.43 0.94 -22.90
C VAL B 39 10.89 0.79 -22.50
N GLY B 40 11.32 -0.42 -22.14
CA GLY B 40 12.71 -0.64 -21.77
C GLY B 40 12.92 -0.95 -20.31
N LYS B 41 11.90 -1.51 -19.64
CA LYS B 41 12.03 -1.85 -18.23
C LYS B 41 13.10 -2.93 -18.02
N SER B 42 13.14 -3.93 -18.91
CA SER B 42 14.11 -5.00 -18.76
C SER B 42 15.52 -4.53 -19.09
N ALA B 43 15.66 -3.74 -20.15
CA ALA B 43 16.99 -3.26 -20.54
C ALA B 43 17.57 -2.36 -19.46
N LEU B 44 16.75 -1.52 -18.84
CA LEU B 44 17.23 -0.65 -17.77
C LEU B 44 17.64 -1.45 -16.55
N THR B 45 16.85 -2.47 -16.19
CA THR B 45 17.16 -3.26 -15.00
C THR B 45 18.42 -4.08 -15.21
N ILE B 46 18.56 -4.71 -16.37
CA ILE B 46 19.77 -5.47 -16.66
C ILE B 46 20.99 -4.56 -16.73
N GLN B 47 20.80 -3.35 -17.27
CA GLN B 47 21.90 -2.39 -17.31
C GLN B 47 22.30 -1.93 -15.90
N PHE B 48 21.35 -1.96 -14.95
CA PHE B 48 21.67 -1.53 -13.60
C PHE B 48 22.29 -2.67 -12.78
N PHE B 49 21.83 -3.90 -12.99
CA PHE B 49 22.30 -5.03 -12.21
C PHE B 49 23.47 -5.76 -12.87
N GLN B 50 23.44 -5.91 -14.19
CA GLN B 50 24.49 -6.62 -14.92
C GLN B 50 25.38 -5.70 -15.75
N LYS B 51 24.99 -4.43 -15.91
CA LYS B 51 25.82 -3.43 -16.60
C LYS B 51 26.13 -3.84 -18.04
N ILE B 52 25.16 -4.48 -18.69
CA ILE B 52 25.23 -4.79 -20.11
C ILE B 52 23.88 -4.46 -20.72
N PHE B 53 23.88 -4.17 -22.02
CA PHE B 53 22.65 -3.89 -22.76
C PHE B 53 22.23 -5.17 -23.48
N VAL B 54 21.09 -5.72 -23.07
CA VAL B 54 20.53 -6.91 -23.72
C VAL B 54 19.34 -6.48 -24.57
N PRO B 55 19.50 -6.35 -25.88
CA PRO B 55 18.38 -5.94 -26.73
C PRO B 55 17.39 -7.08 -26.95
N ASP B 56 16.12 -6.69 -27.07
CA ASP B 56 15.02 -7.62 -27.31
C ASP B 56 14.95 -8.71 -26.24
N TYR B 57 15.24 -8.34 -25.00
CA TYR B 57 15.00 -9.23 -23.88
C TYR B 57 13.53 -9.64 -23.87
N ASP B 58 13.27 -10.92 -23.58
CA ASP B 58 11.93 -11.48 -23.80
C ASP B 58 10.88 -10.66 -23.06
N PRO B 59 9.80 -10.27 -23.74
CA PRO B 59 8.83 -9.34 -23.13
C PRO B 59 8.00 -9.95 -22.01
N THR B 60 8.01 -11.27 -21.85
CA THR B 60 7.11 -11.93 -20.90
C THR B 60 7.75 -12.26 -19.56
N ILE B 61 9.07 -12.20 -19.45
CA ILE B 61 9.75 -12.61 -18.24
C ILE B 61 9.61 -11.53 -17.17
N GLU B 62 8.92 -11.86 -16.09
CA GLU B 62 8.82 -11.02 -14.90
C GLU B 62 9.63 -11.67 -13.80
N ASP B 63 10.69 -10.99 -13.35
CA ASP B 63 11.60 -11.57 -12.37
C ASP B 63 12.19 -10.46 -11.51
N SER B 64 12.81 -10.86 -10.41
CA SER B 64 13.41 -9.95 -9.45
C SER B 64 14.93 -10.05 -9.50
N TYR B 65 15.60 -8.96 -9.13
CA TYR B 65 17.05 -8.89 -9.10
C TYR B 65 17.51 -8.39 -7.74
N LEU B 66 18.65 -8.90 -7.29
CA LEU B 66 19.18 -8.57 -5.97
C LEU B 66 20.68 -8.31 -6.08
N LYS B 67 21.14 -7.22 -5.46
CA LYS B 67 22.54 -6.87 -5.52
C LYS B 67 22.89 -5.94 -4.37
N HIS B 68 24.16 -5.97 -3.97
CA HIS B 68 24.71 -4.95 -3.08
C HIS B 68 25.18 -3.76 -3.92
N THR B 69 24.71 -2.57 -3.57
CA THR B 69 25.05 -1.38 -4.31
C THR B 69 25.40 -0.25 -3.35
N GLU B 70 26.35 0.59 -3.77
CA GLU B 70 26.79 1.73 -2.99
C GLU B 70 26.17 3.00 -3.55
N ILE B 71 25.38 3.69 -2.75
CA ILE B 71 24.72 4.93 -3.14
C ILE B 71 25.08 6.00 -2.12
N ASP B 72 25.72 7.07 -2.59
CA ASP B 72 26.19 8.16 -1.72
C ASP B 72 27.13 7.62 -0.64
N ASN B 73 28.05 6.73 -1.05
CA ASN B 73 29.02 6.09 -0.17
C ASN B 73 28.36 5.35 0.98
N GLN B 74 27.11 4.93 0.79
CA GLN B 74 26.37 4.11 1.75
C GLN B 74 25.94 2.84 1.04
N TRP B 75 26.32 1.69 1.60
CA TRP B 75 25.99 0.41 0.99
C TRP B 75 24.58 0.00 1.35
N ALA B 76 23.89 -0.63 0.41
CA ALA B 76 22.54 -1.10 0.62
C ALA B 76 22.26 -2.27 -0.30
N ILE B 77 21.20 -3.02 0.02
CA ILE B 77 20.75 -4.13 -0.79
C ILE B 77 19.53 -3.67 -1.57
N LEU B 78 19.59 -3.77 -2.89
CA LEU B 78 18.48 -3.39 -3.75
C LEU B 78 17.77 -4.66 -4.23
N ASP B 79 16.47 -4.74 -3.93
CA ASP B 79 15.62 -5.85 -4.35
C ASP B 79 14.62 -5.28 -5.35
N VAL B 80 14.89 -5.46 -6.65
CA VAL B 80 14.15 -4.79 -7.70
C VAL B 80 13.35 -5.83 -8.48
N LEU B 81 12.06 -5.58 -8.64
CA LEU B 81 11.17 -6.45 -9.41
C LEU B 81 10.95 -5.83 -10.78
N ASP B 82 11.26 -6.60 -11.83
CA ASP B 82 11.09 -6.18 -13.21
C ASP B 82 9.73 -6.71 -13.68
N THR B 83 8.73 -5.83 -13.71
CA THR B 83 7.38 -6.24 -14.07
C THR B 83 7.31 -6.65 -15.54
N ALA B 84 6.42 -7.60 -15.81
CA ALA B 84 6.16 -8.05 -17.17
C ALA B 84 4.83 -8.80 -17.19
N GLY B 85 4.18 -8.78 -18.34
CA GLY B 85 2.91 -9.47 -18.49
C GLY B 85 1.83 -8.89 -17.60
N GLN B 86 1.45 -7.63 -17.84
CA GLN B 86 0.36 -7.02 -17.11
C GLN B 86 -0.97 -7.75 -17.31
N GLU B 87 -1.03 -8.69 -18.25
CA GLU B 87 -2.22 -9.50 -18.44
C GLU B 87 -2.47 -10.35 -17.21
N GLU B 88 -3.73 -10.44 -16.80
CA GLU B 88 -4.17 -11.26 -15.66
C GLU B 88 -3.50 -10.75 -14.38
N PHE B 89 -3.24 -11.66 -13.44
CA PHE B 89 -2.73 -11.33 -12.13
C PHE B 89 -1.42 -12.08 -11.88
N SER B 90 -0.54 -11.48 -11.09
CA SER B 90 0.74 -12.08 -10.73
C SER B 90 0.93 -11.98 -9.22
N ALA B 91 1.15 -13.11 -8.58
CA ALA B 91 1.37 -13.11 -7.13
C ALA B 91 2.69 -12.44 -6.79
N MET B 92 3.72 -12.64 -7.61
CA MET B 92 5.01 -12.00 -7.37
C MET B 92 4.91 -10.49 -7.52
N ARG B 93 4.17 -10.03 -8.53
CA ARG B 93 3.97 -8.59 -8.70
C ARG B 93 3.14 -8.01 -7.57
N GLU B 94 2.08 -8.71 -7.15
CA GLU B 94 1.22 -8.21 -6.10
C GLU B 94 1.98 -8.03 -4.78
N GLN B 95 2.84 -8.99 -4.44
CA GLN B 95 3.63 -8.87 -3.22
C GLN B 95 4.60 -7.69 -3.31
N TYR B 96 5.29 -7.56 -4.44
CA TYR B 96 6.25 -6.47 -4.59
C TYR B 96 5.55 -5.11 -4.62
N MET B 97 4.36 -5.04 -5.21
CA MET B 97 3.61 -3.79 -5.22
C MET B 97 3.19 -3.37 -3.82
N ARG B 98 2.78 -4.33 -2.99
CA ARG B 98 2.27 -4.02 -1.67
C ARG B 98 3.39 -3.69 -0.68
N THR B 99 4.53 -4.35 -0.81
CA THR B 99 5.63 -4.19 0.13
C THR B 99 6.79 -3.38 -0.44
N GLY B 100 6.60 -2.74 -1.58
CA GLY B 100 7.67 -1.97 -2.18
C GLY B 100 7.96 -0.70 -1.40
N ASP B 101 9.21 -0.24 -1.52
CA ASP B 101 9.64 1.02 -0.91
C ASP B 101 9.63 2.19 -1.88
N GLY B 102 9.88 1.92 -3.17
CA GLY B 102 9.87 2.97 -4.17
C GLY B 102 9.55 2.37 -5.52
N PHE B 103 9.10 3.24 -6.43
CA PHE B 103 8.65 2.82 -7.75
C PHE B 103 9.31 3.65 -8.84
N LEU B 104 9.68 3.00 -9.93
CA LEU B 104 10.15 3.67 -11.14
C LEU B 104 9.07 3.53 -12.21
N ILE B 105 8.40 4.63 -12.53
CA ILE B 105 7.38 4.65 -13.57
C ILE B 105 8.07 5.01 -14.88
N VAL B 106 8.21 4.02 -15.76
CA VAL B 106 8.99 4.17 -16.99
C VAL B 106 8.05 4.27 -18.18
N TYR B 107 8.38 5.17 -19.09
CA TYR B 107 7.72 5.25 -20.40
C TYR B 107 8.79 5.48 -21.45
N SER B 108 8.39 5.29 -22.71
CA SER B 108 9.28 5.53 -23.85
C SER B 108 8.89 6.84 -24.51
N VAL B 109 9.89 7.67 -24.82
CA VAL B 109 9.63 8.94 -25.47
C VAL B 109 9.12 8.75 -26.89
N THR B 110 9.24 7.55 -27.45
CA THR B 110 8.71 7.25 -28.78
C THR B 110 7.32 6.66 -28.74
N ASP B 111 6.75 6.44 -27.54
CA ASP B 111 5.47 5.76 -27.38
C ASP B 111 4.55 6.68 -26.57
N LYS B 112 3.63 7.36 -27.27
CA LYS B 112 2.71 8.26 -26.57
C LYS B 112 1.73 7.49 -25.68
N ALA B 113 1.38 6.27 -26.07
CA ALA B 113 0.50 5.46 -25.25
C ALA B 113 1.15 5.13 -23.91
N SER B 114 2.47 4.89 -23.93
CA SER B 114 3.18 4.63 -22.68
C SER B 114 3.19 5.86 -21.78
N PHE B 115 3.22 7.06 -22.36
CA PHE B 115 3.22 8.27 -21.56
C PHE B 115 1.84 8.55 -20.98
N GLU B 116 0.78 8.36 -21.76
CA GLU B 116 -0.57 8.63 -21.27
C GLU B 116 -1.05 7.59 -20.27
N HIS B 117 -0.32 6.50 -20.09
CA HIS B 117 -0.61 5.51 -19.06
C HIS B 117 0.13 5.80 -17.75
N VAL B 118 0.94 6.86 -17.70
CA VAL B 118 1.67 7.18 -16.47
C VAL B 118 0.70 7.48 -15.33
N ASP B 119 -0.37 8.24 -15.62
CA ASP B 119 -1.36 8.54 -14.61
C ASP B 119 -2.03 7.27 -14.09
N ARG B 120 -2.24 6.30 -14.97
CA ARG B 120 -2.83 5.03 -14.55
C ARG B 120 -1.89 4.28 -13.62
N PHE B 121 -0.58 4.32 -13.89
CA PHE B 121 0.38 3.66 -13.01
C PHE B 121 0.53 4.42 -11.69
N HIS B 122 0.47 5.76 -11.76
CA HIS B 122 0.53 6.55 -10.53
C HIS B 122 -0.65 6.26 -9.62
N GLN B 123 -1.84 6.11 -10.21
CA GLN B 123 -3.03 5.81 -9.42
C GLN B 123 -2.96 4.42 -8.79
N LEU B 124 -2.36 3.46 -9.51
CA LEU B 124 -2.30 2.10 -9.03
C LEU B 124 -1.39 1.98 -7.81
N ILE B 125 -0.25 2.68 -7.82
CA ILE B 125 0.67 2.63 -6.68
C ILE B 125 0.01 3.24 -5.44
N LEU B 126 -0.68 4.37 -5.62
CA LEU B 126 -1.32 5.02 -4.48
C LEU B 126 -2.48 4.21 -3.94
N ARG B 127 -3.20 3.48 -4.81
CA ARG B 127 -4.31 2.66 -4.35
C ARG B 127 -3.81 1.39 -3.66
N VAL B 128 -2.80 0.75 -4.23
CA VAL B 128 -2.24 -0.46 -3.63
C VAL B 128 -1.61 -0.13 -2.28
N LYS B 129 -0.88 0.98 -2.20
CA LYS B 129 -0.22 1.38 -0.96
C LYS B 129 -1.15 2.10 0.00
N ASP B 130 -2.34 2.52 -0.46
CA ASP B 130 -3.29 3.27 0.36
C ASP B 130 -2.64 4.50 0.98
N ARG B 131 -1.99 5.30 0.12
CA ARG B 131 -1.29 6.49 0.55
C ARG B 131 -1.51 7.60 -0.47
N GLU B 132 -1.44 8.85 0.00
CA GLU B 132 -1.61 10.00 -0.88
C GLU B 132 -0.36 10.28 -1.71
N SER B 133 0.82 9.90 -1.21
CA SER B 133 2.06 10.11 -1.93
C SER B 133 3.09 9.09 -1.49
N PHE B 134 3.77 8.48 -2.45
CA PHE B 134 4.77 7.46 -2.20
C PHE B 134 6.03 7.78 -3.01
N PRO B 135 7.19 7.35 -2.53
CA PRO B 135 8.43 7.58 -3.30
C PRO B 135 8.34 6.96 -4.69
N MET B 136 8.50 7.81 -5.71
CA MET B 136 8.56 7.35 -7.09
C MET B 136 9.35 8.36 -7.90
N ILE B 137 9.81 7.91 -9.06
CA ILE B 137 10.53 8.75 -10.01
C ILE B 137 10.00 8.47 -11.40
N LEU B 138 9.83 9.52 -12.20
CA LEU B 138 9.33 9.40 -13.56
C LEU B 138 10.52 9.25 -14.51
N VAL B 139 10.53 8.16 -15.27
CA VAL B 139 11.66 7.82 -16.13
C VAL B 139 11.20 7.88 -17.57
N ALA B 140 11.87 8.74 -18.36
CA ALA B 140 11.62 8.87 -19.79
C ALA B 140 12.75 8.16 -20.53
N ASN B 141 12.49 6.93 -20.97
CA ASN B 141 13.52 6.11 -21.57
C ASN B 141 13.59 6.34 -23.08
N LYS B 142 14.65 5.78 -23.68
CA LYS B 142 14.87 5.79 -25.14
C LYS B 142 15.09 7.20 -25.68
N VAL B 143 15.68 8.09 -24.88
CA VAL B 143 16.00 9.44 -25.35
C VAL B 143 17.16 9.43 -26.35
N ASP B 144 17.78 8.28 -26.59
CA ASP B 144 18.77 8.16 -27.65
C ASP B 144 18.12 8.18 -29.01
N LEU B 145 16.82 7.93 -29.10
CA LEU B 145 16.08 7.95 -30.37
C LEU B 145 15.47 9.34 -30.56
N MET B 146 16.37 10.31 -30.73
CA MET B 146 15.95 11.70 -30.88
C MET B 146 15.10 11.89 -32.13
N HIS B 147 15.48 11.24 -33.23
CA HIS B 147 14.75 11.37 -34.49
C HIS B 147 13.38 10.72 -34.45
N LEU B 148 13.07 9.92 -33.44
CA LEU B 148 11.77 9.29 -33.30
C LEU B 148 11.05 9.74 -32.04
N ARG B 149 11.52 10.79 -31.38
CA ARG B 149 10.94 11.21 -30.12
C ARG B 149 9.59 11.87 -30.32
N LYS B 150 8.60 11.45 -29.54
CA LYS B 150 7.26 12.03 -29.57
C LYS B 150 6.88 12.71 -28.27
N ILE B 151 7.25 12.14 -27.13
CA ILE B 151 7.02 12.79 -25.84
C ILE B 151 8.18 13.75 -25.57
N THR B 152 7.84 15.01 -25.30
CA THR B 152 8.84 16.05 -25.18
C THR B 152 9.35 16.19 -23.74
N ARG B 153 10.48 16.87 -23.60
CA ARG B 153 11.02 17.15 -22.27
C ARG B 153 10.07 18.02 -21.46
N GLU B 154 9.43 19.00 -22.11
CA GLU B 154 8.47 19.85 -21.42
C GLU B 154 7.24 19.04 -20.98
N GLN B 155 6.84 18.06 -21.80
CA GLN B 155 5.74 17.18 -21.43
C GLN B 155 6.09 16.35 -20.19
N GLY B 156 7.25 15.70 -20.21
CA GLY B 156 7.64 14.87 -19.09
C GLY B 156 7.83 15.66 -17.80
N LYS B 157 8.41 16.85 -17.91
CA LYS B 157 8.58 17.70 -16.74
C LYS B 157 7.22 18.17 -16.21
N GLU B 158 6.27 18.45 -17.10
CA GLU B 158 4.95 18.88 -16.67
C GLU B 158 4.20 17.77 -15.96
N MET B 159 4.30 16.54 -16.48
CA MET B 159 3.64 15.41 -15.84
C MET B 159 4.26 15.10 -14.48
N ALA B 160 5.59 15.20 -14.37
CA ALA B 160 6.25 14.96 -13.10
C ALA B 160 5.92 16.06 -12.09
N THR B 161 5.87 17.31 -12.55
CA THR B 161 5.50 18.42 -11.66
C THR B 161 4.07 18.25 -11.15
N LYS B 162 3.17 17.74 -12.01
CA LYS B 162 1.79 17.54 -11.59
C LYS B 162 1.70 16.53 -10.45
N HIS B 163 2.50 15.47 -10.51
CA HIS B 163 2.51 14.44 -9.49
C HIS B 163 3.48 14.72 -8.35
N ASN B 164 4.27 15.79 -8.45
CA ASN B 164 5.27 16.15 -7.43
C ASN B 164 6.26 15.00 -7.24
N ILE B 165 6.86 14.57 -8.35
CA ILE B 165 7.84 13.48 -8.32
C ILE B 165 9.02 13.85 -9.22
N PRO B 166 10.20 13.30 -8.92
CA PRO B 166 11.37 13.60 -9.74
C PRO B 166 11.21 13.12 -11.18
N TYR B 167 11.98 13.74 -12.07
CA TYR B 167 11.98 13.43 -13.49
C TYR B 167 13.41 13.19 -13.95
N ILE B 168 13.60 12.17 -14.80
CA ILE B 168 14.91 11.86 -15.33
C ILE B 168 14.74 11.21 -16.69
N GLU B 169 15.71 11.43 -17.57
CA GLU B 169 15.73 10.86 -18.91
C GLU B 169 16.84 9.82 -18.97
N THR B 170 16.51 8.63 -19.48
CA THR B 170 17.43 7.51 -19.50
C THR B 170 17.51 6.90 -20.88
N SER B 171 18.58 6.13 -21.09
CA SER B 171 18.74 5.29 -22.26
C SER B 171 19.51 4.05 -21.84
N ALA B 172 18.86 2.89 -21.94
CA ALA B 172 19.53 1.63 -21.59
C ALA B 172 20.39 1.10 -22.73
N LYS B 173 20.18 1.60 -23.95
CA LYS B 173 21.03 1.21 -25.07
C LYS B 173 22.46 1.67 -24.85
N ASP B 174 23.41 0.88 -25.30
CA ASP B 174 24.82 1.25 -25.19
C ASP B 174 25.13 2.35 -26.20
N PRO B 175 25.75 3.47 -25.79
CA PRO B 175 26.21 3.74 -24.42
C PRO B 175 25.08 4.27 -23.51
N PRO B 176 24.99 3.71 -22.31
CA PRO B 176 23.85 4.04 -21.44
C PRO B 176 23.93 5.45 -20.90
N LEU B 177 22.76 5.95 -20.46
CA LEU B 177 22.65 7.30 -19.91
C LEU B 177 21.71 7.26 -18.72
N ASN B 178 22.22 7.68 -17.56
CA ASN B 178 21.41 7.96 -16.37
C ASN B 178 20.71 6.72 -15.83
N VAL B 179 21.26 5.52 -16.09
CA VAL B 179 20.64 4.31 -15.59
C VAL B 179 20.86 4.19 -14.08
N ASP B 180 22.11 4.32 -13.64
CA ASP B 180 22.40 4.29 -12.20
C ASP B 180 21.73 5.45 -11.48
N LYS B 181 21.77 6.65 -12.08
CA LYS B 181 21.19 7.82 -11.44
C LYS B 181 19.69 7.65 -11.22
N ALA B 182 19.00 7.00 -12.16
CA ALA B 182 17.56 6.81 -12.02
C ALA B 182 17.23 5.97 -10.79
N PHE B 183 17.94 4.87 -10.60
CA PHE B 183 17.69 4.03 -9.43
C PHE B 183 18.19 4.70 -8.15
N HIS B 184 19.34 5.38 -8.22
CA HIS B 184 19.90 6.00 -7.03
C HIS B 184 19.07 7.19 -6.57
N ASP B 185 18.52 7.96 -7.51
CA ASP B 185 17.69 9.10 -7.13
C ASP B 185 16.44 8.64 -6.40
N LEU B 186 15.89 7.47 -6.78
CA LEU B 186 14.74 6.93 -6.07
C LEU B 186 15.13 6.51 -4.65
N VAL B 187 16.33 5.95 -4.49
CA VAL B 187 16.79 5.57 -3.15
C VAL B 187 16.97 6.79 -2.28
N ARG B 188 17.50 7.88 -2.85
CA ARG B 188 17.66 9.12 -2.09
C ARG B 188 16.32 9.65 -1.60
N VAL B 189 15.27 9.48 -2.42
CA VAL B 189 13.94 9.89 -1.99
C VAL B 189 13.46 9.00 -0.84
N ILE B 190 13.73 7.69 -0.93
CA ILE B 190 13.37 6.78 0.15
C ILE B 190 14.15 7.13 1.42
N ARG B 191 15.46 7.40 1.27
CA ARG B 191 16.28 7.73 2.42
C ARG B 191 15.83 9.03 3.07
N GLN B 192 15.29 9.97 2.29
CA GLN B 192 14.76 11.20 2.84
C GLN B 192 13.42 11.00 3.54
N GLN B 193 12.90 9.78 3.54
CA GLN B 193 11.60 9.46 4.17
C GLN B 193 10.49 10.34 3.62
N LEU C 26 -5.23 37.09 13.90
CA LEU C 26 -5.17 36.10 14.96
C LEU C 26 -4.28 34.93 14.57
N PRO C 27 -3.31 34.60 15.43
CA PRO C 27 -2.47 33.42 15.17
C PRO C 27 -3.25 32.14 15.33
N THR C 28 -2.79 31.10 14.63
CA THR C 28 -3.39 29.77 14.71
C THR C 28 -2.32 28.81 15.21
N TYR C 29 -2.61 28.13 16.32
CA TYR C 29 -1.68 27.18 16.92
C TYR C 29 -2.17 25.77 16.62
N LYS C 30 -1.41 25.03 15.83
CA LYS C 30 -1.74 23.66 15.45
C LYS C 30 -1.14 22.72 16.48
N LEU C 31 -1.99 22.07 17.27
CA LEU C 31 -1.56 21.18 18.34
C LEU C 31 -1.97 19.75 18.01
N VAL C 32 -1.16 18.80 18.48
CA VAL C 32 -1.38 17.37 18.23
C VAL C 32 -1.38 16.67 19.57
N VAL C 33 -2.46 15.97 19.88
CA VAL C 33 -2.58 15.18 21.10
C VAL C 33 -2.17 13.75 20.77
N VAL C 34 -1.04 13.30 21.31
CA VAL C 34 -0.51 11.99 21.03
C VAL C 34 -0.45 11.18 22.33
N GLY C 35 -0.39 9.87 22.18
CA GLY C 35 -0.35 8.94 23.29
C GLY C 35 -0.99 7.63 22.91
N ASP C 36 -0.75 6.61 23.74
CA ASP C 36 -1.32 5.30 23.51
C ASP C 36 -2.85 5.35 23.58
N GLY C 37 -3.48 4.29 23.10
CA GLY C 37 -4.92 4.22 23.12
C GLY C 37 -5.45 4.01 24.53
N GLY C 38 -6.53 4.71 24.84
CA GLY C 38 -7.19 4.58 26.13
C GLY C 38 -6.63 5.44 27.25
N VAL C 39 -5.65 6.30 26.96
CA VAL C 39 -5.10 7.15 28.01
C VAL C 39 -5.99 8.34 28.31
N GLY C 40 -6.90 8.70 27.41
CA GLY C 40 -7.81 9.79 27.65
C GLY C 40 -7.66 10.96 26.70
N LYS C 41 -7.07 10.70 25.53
CA LYS C 41 -6.84 11.77 24.56
C LYS C 41 -8.16 12.39 24.10
N SER C 42 -9.15 11.54 23.79
CA SER C 42 -10.43 12.06 23.30
C SER C 42 -11.19 12.78 24.40
N ALA C 43 -11.23 12.20 25.60
CA ALA C 43 -11.98 12.82 26.69
C ALA C 43 -11.39 14.19 27.05
N LEU C 44 -10.06 14.30 27.06
CA LEU C 44 -9.42 15.59 27.33
C LEU C 44 -9.71 16.59 26.24
N THR C 45 -9.64 16.16 24.97
CA THR C 45 -9.89 17.07 23.85
C THR C 45 -11.33 17.56 23.86
N ILE C 46 -12.28 16.67 24.12
CA ILE C 46 -13.68 17.07 24.18
C ILE C 46 -13.92 18.00 25.37
N GLN C 47 -13.24 17.75 26.49
CA GLN C 47 -13.36 18.63 27.65
C GLN C 47 -12.82 20.01 27.34
N PHE C 48 -11.80 20.10 26.49
CA PHE C 48 -11.21 21.40 26.17
C PHE C 48 -12.06 22.16 25.15
N PHE C 49 -12.65 21.46 24.19
CA PHE C 49 -13.38 22.11 23.11
C PHE C 49 -14.88 22.20 23.38
N GLN C 50 -15.48 21.14 23.94
CA GLN C 50 -16.91 21.14 24.21
C GLN C 50 -17.24 21.27 25.69
N LYS C 51 -16.25 21.20 26.57
CA LYS C 51 -16.44 21.40 28.01
C LYS C 51 -17.48 20.44 28.59
N ILE C 52 -17.54 19.23 28.04
CA ILE C 52 -18.37 18.16 28.56
C ILE C 52 -17.49 16.91 28.67
N PHE C 53 -17.89 16.01 29.56
CA PHE C 53 -17.21 14.73 29.72
C PHE C 53 -17.99 13.67 28.94
N VAL C 54 -17.35 13.12 27.91
CA VAL C 54 -17.94 12.04 27.11
C VAL C 54 -17.23 10.75 27.46
N PRO C 55 -17.78 9.92 28.36
CA PRO C 55 -17.13 8.67 28.71
C PRO C 55 -17.28 7.62 27.62
N ASP C 56 -16.24 6.78 27.50
CA ASP C 56 -16.22 5.68 26.54
C ASP C 56 -16.37 6.18 25.11
N TYR C 57 -15.79 7.35 24.82
CA TYR C 57 -15.76 7.85 23.45
C TYR C 57 -15.09 6.83 22.56
N ASP C 58 -15.66 6.63 21.36
CA ASP C 58 -15.25 5.52 20.51
C ASP C 58 -13.75 5.61 20.21
N PRO C 59 -12.99 4.53 20.41
CA PRO C 59 -11.53 4.64 20.38
C PRO C 59 -10.95 4.85 19.00
N THR C 60 -11.70 4.62 17.93
CA THR C 60 -11.13 4.63 16.59
C THR C 60 -11.16 5.99 15.91
N ILE C 61 -11.96 6.94 16.39
CA ILE C 61 -12.12 8.20 15.67
C ILE C 61 -10.87 9.04 15.82
N GLU C 62 -10.30 9.44 14.68
CA GLU C 62 -9.24 10.43 14.62
C GLU C 62 -9.80 11.67 13.92
N ASP C 63 -9.76 12.81 14.60
CA ASP C 63 -10.41 14.00 14.06
C ASP C 63 -9.71 15.24 14.61
N SER C 64 -10.03 16.38 13.98
CA SER C 64 -9.46 17.67 14.35
C SER C 64 -10.55 18.59 14.90
N TYR C 65 -10.15 19.47 15.82
CA TYR C 65 -11.07 20.41 16.45
C TYR C 65 -10.54 21.82 16.27
N LEU C 66 -11.47 22.77 16.09
CA LEU C 66 -11.13 24.15 15.78
C LEU C 66 -11.99 25.08 16.63
N LYS C 67 -11.36 26.02 17.32
CA LYS C 67 -12.10 26.98 18.13
C LYS C 67 -11.20 28.16 18.48
N HIS C 68 -11.85 29.28 18.81
CA HIS C 68 -11.16 30.47 19.30
C HIS C 68 -11.02 30.37 20.81
N THR C 69 -9.79 30.51 21.31
CA THR C 69 -9.52 30.49 22.73
C THR C 69 -8.72 31.74 23.12
N GLU C 70 -8.96 32.20 24.35
CA GLU C 70 -8.24 33.33 24.92
C GLU C 70 -7.27 32.78 25.96
N ILE C 71 -5.98 32.91 25.68
CA ILE C 71 -4.92 32.43 26.57
C ILE C 71 -4.06 33.63 26.96
N ASP C 72 -3.99 33.89 28.27
CA ASP C 72 -3.26 35.05 28.80
C ASP C 72 -3.78 36.35 28.19
N ASN C 73 -5.11 36.45 28.05
CA ASN C 73 -5.78 37.63 27.50
C ASN C 73 -5.33 37.92 26.07
N GLN C 74 -4.89 36.89 25.36
CA GLN C 74 -4.51 36.98 23.95
C GLN C 74 -5.32 35.95 23.18
N TRP C 75 -6.16 36.42 22.26
CA TRP C 75 -7.01 35.53 21.50
C TRP C 75 -6.21 34.81 20.41
N ALA C 76 -6.53 33.53 20.21
CA ALA C 76 -5.87 32.72 19.19
C ALA C 76 -6.82 31.64 18.74
N ILE C 77 -6.49 31.04 17.59
CA ILE C 77 -7.22 29.91 17.04
C ILE C 77 -6.41 28.64 17.34
N LEU C 78 -7.06 27.65 17.92
CA LEU C 78 -6.42 26.38 18.24
C LEU C 78 -6.94 25.31 17.29
N ASP C 79 -6.03 24.70 16.54
CA ASP C 79 -6.35 23.62 15.60
C ASP C 79 -5.72 22.35 16.15
N VAL C 80 -6.51 21.55 16.85
CA VAL C 80 -6.02 20.41 17.61
C VAL C 80 -6.48 19.13 16.94
N LEU C 81 -5.54 18.22 16.68
CA LEU C 81 -5.83 16.89 16.17
C LEU C 81 -5.83 15.89 17.33
N ASP C 82 -6.90 15.12 17.43
CA ASP C 82 -7.02 14.04 18.41
C ASP C 82 -6.68 12.73 17.71
N THR C 83 -5.46 12.24 17.94
CA THR C 83 -4.97 11.08 17.23
C THR C 83 -5.64 9.79 17.73
N ALA C 84 -5.66 8.79 16.85
CA ALA C 84 -6.24 7.49 17.16
C ALA C 84 -5.82 6.53 16.05
N GLY C 85 -6.06 5.24 16.29
CA GLY C 85 -5.76 4.21 15.32
C GLY C 85 -4.28 4.02 15.07
N PHE C 89 -0.51 3.92 9.30
CA PHE C 89 -0.29 5.21 8.69
C PHE C 89 -1.59 5.99 8.54
N SER C 90 -1.52 7.30 8.79
CA SER C 90 -2.67 8.18 8.66
C SER C 90 -2.25 9.44 7.92
N ALA C 91 -3.00 9.79 6.88
CA ALA C 91 -2.70 11.01 6.14
C ALA C 91 -2.93 12.25 6.99
N MET C 92 -3.94 12.21 7.87
CA MET C 92 -4.21 13.35 8.73
C MET C 92 -3.11 13.52 9.79
N ARG C 93 -2.55 12.41 10.27
CA ARG C 93 -1.45 12.50 11.23
C ARG C 93 -0.19 13.03 10.56
N GLU C 94 0.19 12.43 9.43
CA GLU C 94 1.43 12.83 8.75
C GLU C 94 1.48 14.33 8.51
N GLN C 95 0.35 14.94 8.13
CA GLN C 95 0.31 16.38 7.97
C GLN C 95 0.43 17.08 9.32
N TYR C 96 -0.43 16.71 10.28
CA TYR C 96 -0.46 17.41 11.56
C TYR C 96 0.85 17.25 12.32
N MET C 97 1.48 16.08 12.23
CA MET C 97 2.77 15.90 12.87
C MET C 97 3.88 16.68 12.17
N ARG C 98 3.69 17.02 10.90
CA ARG C 98 4.73 17.71 10.13
C ARG C 98 4.66 19.23 10.28
N THR C 99 3.46 19.81 10.34
CA THR C 99 3.30 21.25 10.48
C THR C 99 2.72 21.64 11.84
N GLY C 100 2.74 20.74 12.82
CA GLY C 100 2.23 21.07 14.13
C GLY C 100 3.15 22.04 14.87
N ASP C 101 2.56 22.81 15.77
CA ASP C 101 3.30 23.78 16.57
C ASP C 101 3.64 23.25 17.96
N GLY C 102 2.86 22.33 18.50
CA GLY C 102 3.11 21.78 19.81
C GLY C 102 2.40 20.46 19.99
N PHE C 103 2.88 19.67 20.95
CA PHE C 103 2.37 18.33 21.18
C PHE C 103 2.03 18.12 22.64
N LEU C 104 0.90 17.44 22.89
CA LEU C 104 0.56 16.93 24.22
C LEU C 104 0.85 15.43 24.22
N ILE C 105 1.96 15.04 24.85
CA ILE C 105 2.27 13.62 25.03
C ILE C 105 1.51 13.16 26.26
N VAL C 106 0.41 12.44 26.05
CA VAL C 106 -0.49 12.03 27.13
C VAL C 106 -0.23 10.57 27.48
N TYR C 107 -0.25 10.28 28.77
CA TYR C 107 -0.25 8.90 29.26
C TYR C 107 -1.22 8.80 30.43
N SER C 108 -1.63 7.58 30.74
CA SER C 108 -2.53 7.31 31.85
C SER C 108 -1.72 6.81 33.04
N VAL C 109 -1.96 7.39 34.22
CA VAL C 109 -1.24 7.00 35.42
C VAL C 109 -1.58 5.59 35.88
N THR C 110 -2.65 5.00 35.35
CA THR C 110 -3.01 3.63 35.66
C THR C 110 -2.47 2.63 34.63
N ASP C 111 -1.73 3.12 33.63
CA ASP C 111 -1.23 2.29 32.52
C ASP C 111 0.27 2.53 32.42
N LYS C 112 1.07 1.60 32.96
CA LYS C 112 2.52 1.78 32.93
C LYS C 112 3.09 1.61 31.53
N ALA C 113 2.41 0.84 30.67
CA ALA C 113 2.84 0.72 29.29
C ALA C 113 2.65 2.01 28.53
N SER C 114 1.62 2.79 28.89
CA SER C 114 1.44 4.10 28.28
C SER C 114 2.56 5.06 28.67
N PHE C 115 3.10 4.91 29.89
CA PHE C 115 4.20 5.75 30.32
C PHE C 115 5.52 5.32 29.68
N GLU C 116 5.73 4.01 29.53
CA GLU C 116 6.95 3.51 28.89
C GLU C 116 7.05 3.88 27.42
N HIS C 117 5.95 4.30 26.81
CA HIS C 117 5.94 4.74 25.41
C HIS C 117 6.11 6.25 25.28
N VAL C 118 6.34 6.96 26.37
CA VAL C 118 6.53 8.41 26.30
C VAL C 118 7.83 8.73 25.57
N ASP C 119 8.88 7.95 25.82
CA ASP C 119 10.17 8.21 25.16
C ASP C 119 10.08 7.99 23.66
N ARG C 120 9.27 7.02 23.23
CA ARG C 120 9.15 6.76 21.80
C ARG C 120 8.35 7.86 21.11
N PHE C 121 7.25 8.30 21.73
CA PHE C 121 6.52 9.45 21.20
C PHE C 121 7.40 10.69 21.17
N HIS C 122 8.31 10.81 22.13
CA HIS C 122 9.21 11.97 22.17
C HIS C 122 10.16 11.97 20.98
N GLN C 123 10.78 10.80 20.68
CA GLN C 123 11.72 10.74 19.58
C GLN C 123 11.03 10.76 18.23
N LEU C 124 9.78 10.30 18.17
CA LEU C 124 9.03 10.36 16.92
C LEU C 124 8.71 11.81 16.55
N ILE C 125 8.37 12.63 17.55
CA ILE C 125 8.11 14.05 17.31
C ILE C 125 9.38 14.72 16.80
N LEU C 126 10.51 14.47 17.48
CA LEU C 126 11.77 15.09 17.08
C LEU C 126 12.24 14.62 15.72
N ARG C 127 11.91 13.36 15.36
CA ARG C 127 12.29 12.86 14.04
C ARG C 127 11.49 13.53 12.94
N VAL C 128 10.16 13.59 13.10
CA VAL C 128 9.32 14.22 12.10
C VAL C 128 9.64 15.70 11.98
N LYS C 129 9.93 16.35 13.11
CA LYS C 129 10.27 17.77 13.11
C LYS C 129 11.71 18.03 12.73
N ASP C 130 12.58 17.02 12.79
CA ASP C 130 14.00 17.18 12.50
C ASP C 130 14.61 18.29 13.35
N ARG C 131 14.33 18.24 14.65
CA ARG C 131 14.79 19.24 15.59
C ARG C 131 15.23 18.56 16.87
N GLU C 132 16.20 19.18 17.56
CA GLU C 132 16.69 18.64 18.82
C GLU C 132 15.69 18.81 19.95
N SER C 133 14.78 19.78 19.84
CA SER C 133 13.76 20.00 20.83
C SER C 133 12.58 20.70 20.17
N PHE C 134 11.39 20.47 20.72
CA PHE C 134 10.17 21.03 20.17
C PHE C 134 9.20 21.32 21.30
N PRO C 135 8.33 22.32 21.15
CA PRO C 135 7.32 22.59 22.19
C PRO C 135 6.44 21.38 22.44
N MET C 136 6.45 20.91 23.68
CA MET C 136 5.59 19.81 24.09
C MET C 136 5.44 19.87 25.61
N ILE C 137 4.51 19.07 26.12
CA ILE C 137 4.27 18.98 27.56
C ILE C 137 3.81 17.58 27.89
N LEU C 138 4.35 17.03 28.98
CA LEU C 138 3.98 15.69 29.43
C LEU C 138 2.68 15.78 30.24
N VAL C 139 1.68 15.00 29.82
CA VAL C 139 0.36 15.02 30.45
C VAL C 139 0.13 13.67 31.11
N ALA C 140 -0.11 13.70 32.42
CA ALA C 140 -0.40 12.49 33.21
C ALA C 140 -1.88 12.50 33.55
N ASN C 141 -2.66 11.77 32.75
CA ASN C 141 -4.11 11.78 32.88
C ASN C 141 -4.58 10.72 33.88
N LYS C 142 -5.87 10.81 34.24
CA LYS C 142 -6.55 9.87 35.11
C LYS C 142 -6.03 9.90 36.54
N VAL C 143 -5.59 11.06 37.02
CA VAL C 143 -5.15 11.19 38.40
C VAL C 143 -6.30 11.12 39.40
N ASP C 144 -7.54 11.12 38.92
CA ASP C 144 -8.67 10.91 39.80
C ASP C 144 -8.76 9.46 40.29
N LEU C 145 -8.13 8.53 39.57
CA LEU C 145 -8.13 7.12 39.97
C LEU C 145 -6.94 6.87 40.92
N MET C 146 -7.06 7.44 42.12
CA MET C 146 -6.00 7.35 43.10
C MET C 146 -5.76 5.90 43.53
N HIS C 147 -6.84 5.13 43.68
CA HIS C 147 -6.74 3.75 44.15
C HIS C 147 -6.19 2.80 43.09
N LEU C 148 -5.99 3.26 41.86
CA LEU C 148 -5.47 2.43 40.79
C LEU C 148 -4.23 3.02 40.13
N ARG C 149 -3.65 4.07 40.72
CA ARG C 149 -2.51 4.74 40.10
C ARG C 149 -1.27 3.85 40.14
N LYS C 150 -0.62 3.69 39.00
CA LYS C 150 0.60 2.92 38.88
C LYS C 150 1.83 3.77 38.61
N ILE C 151 1.72 4.79 37.77
CA ILE C 151 2.82 5.70 37.50
C ILE C 151 2.77 6.83 38.53
N THR C 152 3.90 7.08 39.19
CA THR C 152 3.95 7.99 40.31
C THR C 152 4.27 9.41 39.85
N ARG C 153 4.02 10.38 40.74
CA ARG C 153 4.33 11.77 40.44
C ARG C 153 5.82 11.99 40.26
N GLU C 154 6.63 11.39 41.14
CA GLU C 154 8.08 11.50 41.00
C GLU C 154 8.54 10.88 39.68
N GLN C 155 7.86 9.81 39.24
CA GLN C 155 8.19 9.19 37.96
C GLN C 155 7.91 10.15 36.80
N GLY C 156 6.71 10.72 36.76
CA GLY C 156 6.37 11.64 35.69
C GLY C 156 7.24 12.88 35.69
N LYS C 157 7.55 13.41 36.88
CA LYS C 157 8.42 14.58 36.96
C LYS C 157 9.84 14.25 36.51
N GLU C 158 10.32 13.04 36.84
CA GLU C 158 11.64 12.64 36.38
C GLU C 158 11.69 12.48 34.87
N MET C 159 10.61 11.97 34.27
CA MET C 159 10.58 11.83 32.82
C MET C 159 10.50 13.18 32.13
N ALA C 160 9.70 14.11 32.67
CA ALA C 160 9.61 15.44 32.10
C ALA C 160 10.94 16.18 32.23
N THR C 161 11.63 16.03 33.37
CA THR C 161 12.94 16.64 33.53
C THR C 161 13.96 16.03 32.58
N LYS C 162 13.86 14.71 32.35
CA LYS C 162 14.78 14.05 31.44
C LYS C 162 14.68 14.61 30.03
N HIS C 163 13.48 15.03 29.62
CA HIS C 163 13.26 15.62 28.31
C HIS C 163 13.21 17.14 28.35
N ASN C 164 13.28 17.75 29.54
CA ASN C 164 13.24 19.20 29.70
C ASN C 164 11.95 19.78 29.12
N ILE C 165 10.83 19.22 29.54
CA ILE C 165 9.50 19.69 29.12
C ILE C 165 8.64 19.86 30.36
N PRO C 166 7.61 20.71 30.30
CA PRO C 166 6.73 20.87 31.45
C PRO C 166 5.94 19.60 31.74
N TYR C 167 5.49 19.49 32.98
CA TYR C 167 4.73 18.33 33.46
C TYR C 167 3.45 18.82 34.10
N ILE C 168 2.34 18.17 33.76
CA ILE C 168 1.03 18.52 34.32
C ILE C 168 0.22 17.24 34.50
N GLU C 169 -0.61 17.23 35.53
CA GLU C 169 -1.51 16.11 35.81
C GLU C 169 -2.94 16.56 35.55
N THR C 170 -3.66 15.77 34.75
CA THR C 170 -5.00 16.13 34.34
C THR C 170 -5.98 15.00 34.64
N SER C 171 -7.26 15.35 34.63
CA SER C 171 -8.36 14.39 34.70
C SER C 171 -9.49 14.93 33.85
N ALA C 172 -9.93 14.15 32.88
CA ALA C 172 -11.02 14.55 31.99
C ALA C 172 -12.39 14.17 32.53
N LYS C 173 -12.46 13.28 33.52
CA LYS C 173 -13.72 12.87 34.09
C LYS C 173 -14.28 13.99 34.98
N ASP C 174 -15.60 14.16 34.95
CA ASP C 174 -16.24 15.21 35.74
C ASP C 174 -16.15 14.87 37.23
N PRO C 175 -15.68 15.80 38.08
CA PRO C 175 -15.22 17.14 37.70
C PRO C 175 -13.77 17.15 37.21
N PRO C 176 -13.51 17.88 36.13
CA PRO C 176 -12.20 17.80 35.49
C PRO C 176 -11.12 18.51 36.31
N LEU C 177 -9.89 18.40 35.83
CA LEU C 177 -8.74 19.02 36.48
C LEU C 177 -7.69 19.35 35.43
N ASN C 178 -7.35 20.63 35.32
CA ASN C 178 -6.21 21.12 34.55
C ASN C 178 -6.33 20.85 33.05
N VAL C 179 -7.54 20.66 32.54
CA VAL C 179 -7.70 20.41 31.11
C VAL C 179 -7.29 21.64 30.30
N ASP C 180 -7.83 22.80 30.65
CA ASP C 180 -7.48 24.03 29.95
C ASP C 180 -6.02 24.39 30.18
N LYS C 181 -5.53 24.26 31.41
CA LYS C 181 -4.16 24.64 31.72
C LYS C 181 -3.16 23.80 30.93
N ALA C 182 -3.49 22.52 30.68
CA ALA C 182 -2.60 21.67 29.90
C ALA C 182 -2.43 22.20 28.49
N PHE C 183 -3.54 22.56 27.84
CA PHE C 183 -3.45 23.13 26.49
C PHE C 183 -2.86 24.53 26.51
N HIS C 184 -3.21 25.32 27.52
CA HIS C 184 -2.70 26.69 27.60
C HIS C 184 -1.21 26.72 27.91
N ASP C 185 -0.74 25.79 28.75
CA ASP C 185 0.69 25.73 29.06
C ASP C 185 1.52 25.44 27.82
N LEU C 186 0.97 24.66 26.87
CA LEU C 186 1.69 24.39 25.64
C LEU C 186 1.78 25.62 24.76
N VAL C 187 0.66 26.33 24.61
CA VAL C 187 0.66 27.56 23.82
C VAL C 187 1.63 28.58 24.41
N ARG C 188 1.71 28.62 25.75
CA ARG C 188 2.70 29.48 26.40
C ARG C 188 4.12 29.12 25.97
N VAL C 189 4.41 27.82 25.88
CA VAL C 189 5.72 27.39 25.42
C VAL C 189 5.94 27.80 23.97
N ILE C 190 4.89 27.70 23.14
CA ILE C 190 4.99 28.10 21.75
C ILE C 190 5.23 29.60 21.64
N ARG C 191 4.52 30.39 22.44
CA ARG C 191 4.72 31.84 22.42
C ARG C 191 6.08 32.24 22.98
N GLN C 192 6.60 31.48 23.94
CA GLN C 192 7.86 31.79 24.60
C GLN C 192 9.08 31.36 23.78
N GLN C 193 8.90 31.06 22.50
CA GLN C 193 10.01 30.63 21.65
C GLN C 193 10.87 31.83 21.24
N ASN D 25 24.34 -33.95 14.52
CA ASN D 25 23.63 -35.08 15.08
C ASN D 25 22.15 -34.76 15.30
N LEU D 26 21.90 -33.71 16.09
CA LEU D 26 20.55 -33.29 16.44
C LEU D 26 20.23 -31.94 15.81
N PRO D 27 19.00 -31.74 15.35
CA PRO D 27 18.63 -30.42 14.81
C PRO D 27 18.47 -29.40 15.92
N THR D 28 18.79 -28.15 15.59
CA THR D 28 18.62 -27.03 16.50
C THR D 28 17.54 -26.11 15.96
N TYR D 29 16.61 -25.72 16.83
CA TYR D 29 15.52 -24.82 16.48
C TYR D 29 15.69 -23.52 17.26
N LYS D 30 15.83 -22.41 16.54
CA LYS D 30 15.99 -21.09 17.14
C LYS D 30 14.63 -20.41 17.17
N LEU D 31 14.11 -20.20 18.37
CA LEU D 31 12.79 -19.60 18.56
C LEU D 31 12.92 -18.26 19.28
N VAL D 32 12.02 -17.34 18.95
CA VAL D 32 11.99 -16.02 19.56
C VAL D 32 10.60 -15.80 20.14
N VAL D 33 10.55 -15.43 21.43
CA VAL D 33 9.30 -15.10 22.10
C VAL D 33 9.16 -13.59 22.08
N VAL D 34 8.17 -13.09 21.35
CA VAL D 34 7.94 -11.66 21.20
C VAL D 34 6.59 -11.30 21.81
N GLY D 35 6.42 -10.01 22.08
CA GLY D 35 5.19 -9.51 22.66
C GLY D 35 5.46 -8.32 23.54
N ASP D 36 4.37 -7.62 23.89
CA ASP D 36 4.48 -6.48 24.78
C ASP D 36 4.96 -6.92 26.16
N GLY D 37 5.37 -5.93 26.96
CA GLY D 37 5.84 -6.22 28.31
C GLY D 37 4.69 -6.59 29.22
N GLY D 38 4.95 -7.55 30.11
CA GLY D 38 3.95 -7.98 31.07
C GLY D 38 2.96 -9.01 30.58
N VAL D 39 3.12 -9.51 29.35
CA VAL D 39 2.19 -10.53 28.85
C VAL D 39 2.51 -11.91 29.40
N GLY D 40 3.73 -12.11 29.91
CA GLY D 40 4.10 -13.40 30.47
C GLY D 40 5.14 -14.14 29.65
N LYS D 41 5.94 -13.42 28.88
CA LYS D 41 6.97 -14.06 28.07
C LYS D 41 7.99 -14.77 28.95
N SER D 42 8.51 -14.08 29.97
CA SER D 42 9.51 -14.68 30.84
C SER D 42 8.94 -15.86 31.61
N ALA D 43 7.72 -15.72 32.14
CA ALA D 43 7.11 -16.78 32.93
C ALA D 43 6.88 -18.03 32.09
N LEU D 44 6.37 -17.86 30.87
CA LEU D 44 6.18 -19.00 29.98
C LEU D 44 7.51 -19.64 29.61
N THR D 45 8.52 -18.82 29.31
CA THR D 45 9.84 -19.35 28.95
C THR D 45 10.46 -20.08 30.12
N ILE D 46 10.37 -19.52 31.33
CA ILE D 46 10.92 -20.18 32.51
C ILE D 46 10.17 -21.47 32.78
N GLN D 47 8.85 -21.46 32.56
CA GLN D 47 8.07 -22.69 32.75
C GLN D 47 8.45 -23.76 31.75
N PHE D 48 8.86 -23.37 30.53
CA PHE D 48 9.23 -24.37 29.54
C PHE D 48 10.61 -24.94 29.80
N PHE D 49 11.54 -24.11 30.26
CA PHE D 49 12.92 -24.55 30.44
C PHE D 49 13.20 -25.06 31.85
N GLN D 50 12.65 -24.40 32.87
CA GLN D 50 12.90 -24.77 34.25
C GLN D 50 11.70 -25.43 34.94
N LYS D 51 10.54 -25.45 34.29
CA LYS D 51 9.36 -26.16 34.79
C LYS D 51 8.92 -25.64 36.16
N ILE D 52 9.11 -24.34 36.40
CA ILE D 52 8.69 -23.69 37.64
C ILE D 52 8.05 -22.35 37.28
N PHE D 53 7.21 -21.86 38.19
CA PHE D 53 6.55 -20.58 38.03
C PHE D 53 7.32 -19.53 38.83
N VAL D 54 7.93 -18.57 38.14
CA VAL D 54 8.62 -17.47 38.78
C VAL D 54 7.77 -16.21 38.60
N PRO D 55 6.96 -15.84 39.59
CA PRO D 55 6.13 -14.63 39.46
C PRO D 55 6.95 -13.36 39.63
N ASP D 56 6.50 -12.31 38.94
CA ASP D 56 7.12 -11.00 38.99
C ASP D 56 8.59 -11.04 38.56
N TYR D 57 8.90 -11.91 37.60
CA TYR D 57 10.25 -11.91 37.03
C TYR D 57 10.57 -10.53 36.48
N ASP D 58 11.79 -10.06 36.74
CA ASP D 58 12.14 -8.67 36.45
C ASP D 58 11.93 -8.38 34.96
N PRO D 59 11.20 -7.32 34.63
CA PRO D 59 10.77 -7.12 33.23
C PRO D 59 11.88 -6.71 32.28
N THR D 60 13.08 -6.43 32.77
CA THR D 60 14.13 -5.86 31.93
C THR D 60 15.09 -6.88 31.35
N ILE D 61 15.25 -8.04 32.00
CA ILE D 61 16.26 -9.00 31.53
C ILE D 61 15.84 -9.60 30.20
N GLU D 62 16.70 -9.46 29.21
CA GLU D 62 16.58 -10.16 27.94
C GLU D 62 17.68 -11.21 27.88
N ASP D 63 17.29 -12.47 27.71
CA ASP D 63 18.26 -13.56 27.76
C ASP D 63 17.78 -14.71 26.89
N SER D 64 18.71 -15.59 26.56
CA SER D 64 18.42 -16.79 25.78
C SER D 64 18.52 -18.03 26.65
N TYR D 65 17.81 -19.07 26.23
CA TYR D 65 17.80 -20.35 26.93
C TYR D 65 18.13 -21.46 25.95
N LEU D 66 18.57 -22.60 26.48
CA LEU D 66 19.01 -23.71 25.65
C LEU D 66 18.83 -25.01 26.42
N LYS D 67 18.13 -25.97 25.81
CA LYS D 67 17.93 -27.27 26.43
C LYS D 67 17.69 -28.32 25.35
N HIS D 68 17.84 -29.57 25.74
CA HIS D 68 17.44 -30.70 24.90
C HIS D 68 15.98 -31.01 25.19
N THR D 69 15.19 -31.12 24.12
CA THR D 69 13.76 -31.36 24.25
C THR D 69 13.34 -32.47 23.30
N GLU D 70 12.38 -33.27 23.73
CA GLU D 70 11.81 -34.34 22.92
C GLU D 70 10.40 -33.93 22.50
N ILE D 71 10.22 -33.69 21.21
CA ILE D 71 8.92 -33.32 20.65
C ILE D 71 8.53 -34.39 19.64
N ASP D 72 7.37 -35.03 19.87
CA ASP D 72 6.90 -36.12 19.02
C ASP D 72 7.93 -37.23 18.93
N ASN D 73 8.54 -37.57 20.07
CA ASN D 73 9.53 -38.63 20.18
C ASN D 73 10.75 -38.37 19.30
N GLN D 74 11.02 -37.11 19.01
CA GLN D 74 12.21 -36.70 18.27
C GLN D 74 12.95 -35.66 19.10
N TRP D 75 14.18 -35.97 19.49
CA TRP D 75 14.95 -35.04 20.31
C TRP D 75 15.47 -33.89 19.46
N ALA D 76 15.61 -32.74 20.10
CA ALA D 76 16.10 -31.55 19.43
C ALA D 76 16.62 -30.56 20.46
N ILE D 77 17.46 -29.64 19.99
CA ILE D 77 17.98 -28.55 20.81
C ILE D 77 17.15 -27.31 20.52
N LEU D 78 16.62 -26.69 21.55
CA LEU D 78 15.78 -25.50 21.41
C LEU D 78 16.54 -24.28 21.92
N ASP D 79 16.70 -23.29 21.06
CA ASP D 79 17.39 -22.03 21.36
C ASP D 79 16.34 -20.93 21.37
N VAL D 80 15.88 -20.56 22.57
CA VAL D 80 14.76 -19.63 22.73
C VAL D 80 15.27 -18.34 23.34
N LEU D 81 14.93 -17.22 22.73
CA LEU D 81 15.27 -15.89 23.24
C LEU D 81 14.02 -15.27 23.85
N ASP D 82 14.12 -14.89 25.13
CA ASP D 82 13.04 -14.19 25.82
C ASP D 82 13.30 -12.69 25.67
N THR D 83 12.57 -12.06 24.77
CA THR D 83 12.82 -10.66 24.46
C THR D 83 12.40 -9.75 25.62
N ALA D 84 13.04 -8.59 25.68
CA ALA D 84 12.74 -7.59 26.70
C ALA D 84 13.33 -6.26 26.26
N GLY D 85 12.84 -5.18 26.85
CA GLY D 85 13.31 -3.85 26.55
C GLY D 85 12.26 -2.95 25.95
N PHE D 89 17.12 -0.83 20.91
CA PHE D 89 17.69 -1.81 20.00
C PHE D 89 18.63 -2.76 20.73
N SER D 90 18.64 -4.02 20.31
CA SER D 90 19.49 -5.05 20.91
C SER D 90 20.21 -5.81 19.81
N ALA D 91 21.51 -6.01 19.98
CA ALA D 91 22.26 -6.84 19.04
C ALA D 91 21.85 -8.30 19.16
N MET D 92 21.47 -8.73 20.36
CA MET D 92 21.00 -10.10 20.53
C MET D 92 19.65 -10.31 19.86
N ARG D 93 18.78 -9.30 19.90
CA ARG D 93 17.50 -9.41 19.22
C ARG D 93 17.67 -9.45 17.70
N GLU D 94 18.65 -8.70 17.18
CA GLU D 94 18.84 -8.64 15.73
C GLU D 94 19.22 -9.99 15.15
N GLN D 95 20.11 -10.72 15.82
CA GLN D 95 20.52 -12.03 15.33
C GLN D 95 19.37 -13.04 15.43
N TYR D 96 18.72 -13.11 16.59
CA TYR D 96 17.64 -14.07 16.77
C TYR D 96 16.46 -13.77 15.86
N MET D 97 16.19 -12.48 15.57
CA MET D 97 15.09 -12.13 14.69
C MET D 97 15.37 -12.55 13.26
N ARG D 98 16.60 -12.29 12.78
CA ARG D 98 16.93 -12.59 11.39
C ARG D 98 17.19 -14.07 11.17
N THR D 99 17.76 -14.76 12.16
CA THR D 99 18.13 -16.15 12.03
C THR D 99 17.18 -17.10 12.74
N GLY D 100 16.07 -16.59 13.27
CA GLY D 100 15.12 -17.44 13.97
C GLY D 100 14.34 -18.32 13.03
N ASP D 101 13.95 -19.50 13.53
CA ASP D 101 13.17 -20.45 12.76
C ASP D 101 11.67 -20.37 13.03
N GLY D 102 11.28 -19.84 14.19
CA GLY D 102 9.87 -19.71 14.53
C GLY D 102 9.69 -18.69 15.62
N PHE D 103 8.46 -18.19 15.73
CA PHE D 103 8.16 -17.09 16.64
C PHE D 103 6.93 -17.41 17.47
N LEU D 104 6.97 -17.05 18.75
CA LEU D 104 5.81 -17.07 19.63
C LEU D 104 5.33 -15.63 19.80
N ILE D 105 4.20 -15.31 19.18
CA ILE D 105 3.59 -13.98 19.33
C ILE D 105 2.63 -14.07 20.51
N VAL D 106 3.07 -13.58 21.66
CA VAL D 106 2.33 -13.72 22.91
C VAL D 106 1.65 -12.41 23.26
N TYR D 107 0.41 -12.50 23.72
CA TYR D 107 -0.30 -11.38 24.32
C TYR D 107 -1.05 -11.89 25.54
N SER D 108 -1.51 -10.96 26.36
CA SER D 108 -2.27 -11.27 27.56
C SER D 108 -3.75 -10.98 27.31
N VAL D 109 -4.61 -11.92 27.71
CA VAL D 109 -6.05 -11.75 27.52
C VAL D 109 -6.62 -10.66 28.40
N THR D 110 -5.85 -10.16 29.37
CA THR D 110 -6.28 -9.06 30.22
C THR D 110 -5.75 -7.71 29.72
N ASP D 111 -5.03 -7.69 28.60
CA ASP D 111 -4.37 -6.48 28.11
C ASP D 111 -4.81 -6.25 26.66
N LYS D 112 -5.66 -5.25 26.47
CA LYS D 112 -6.11 -4.91 25.11
C LYS D 112 -4.95 -4.41 24.26
N ALA D 113 -4.03 -3.65 24.85
CA ALA D 113 -2.93 -3.09 24.08
C ALA D 113 -1.97 -4.17 23.61
N SER D 114 -1.86 -5.28 24.34
CA SER D 114 -1.00 -6.37 23.90
C SER D 114 -1.59 -7.08 22.68
N PHE D 115 -2.91 -7.24 22.64
CA PHE D 115 -3.57 -7.80 21.48
C PHE D 115 -3.52 -6.86 20.28
N GLU D 116 -3.55 -5.54 20.53
CA GLU D 116 -3.54 -4.56 19.45
C GLU D 116 -2.22 -4.54 18.69
N HIS D 117 -1.13 -4.99 19.31
CA HIS D 117 0.18 -4.99 18.68
C HIS D 117 0.53 -6.31 18.02
N VAL D 118 -0.37 -7.29 18.04
CA VAL D 118 -0.12 -8.57 17.39
C VAL D 118 0.09 -8.37 15.89
N ASP D 119 -0.75 -7.56 15.27
CA ASP D 119 -0.57 -7.25 13.85
C ASP D 119 0.78 -6.62 13.59
N ARG D 120 1.27 -5.79 14.51
CA ARG D 120 2.56 -5.15 14.33
C ARG D 120 3.70 -6.14 14.45
N PHE D 121 3.66 -7.00 15.48
CA PHE D 121 4.67 -8.04 15.61
C PHE D 121 4.68 -8.95 14.39
N HIS D 122 3.49 -9.24 13.85
CA HIS D 122 3.39 -10.07 12.65
C HIS D 122 4.03 -9.38 11.45
N GLN D 123 3.89 -8.06 11.37
CA GLN D 123 4.50 -7.33 10.25
C GLN D 123 6.02 -7.28 10.38
N LEU D 124 6.52 -7.09 11.60
CA LEU D 124 7.96 -7.01 11.80
C LEU D 124 8.65 -8.32 11.45
N ILE D 125 8.03 -9.45 11.82
CA ILE D 125 8.63 -10.75 11.54
C ILE D 125 8.67 -10.99 10.03
N LEU D 126 7.58 -10.69 9.34
CA LEU D 126 7.54 -10.91 7.90
C LEU D 126 8.49 -9.98 7.15
N ARG D 127 8.76 -8.79 7.69
CA ARG D 127 9.69 -7.88 7.05
C ARG D 127 11.13 -8.35 7.26
N VAL D 128 11.47 -8.76 8.48
CA VAL D 128 12.84 -9.18 8.78
C VAL D 128 13.20 -10.43 7.98
N LYS D 129 12.25 -11.35 7.84
CA LYS D 129 12.48 -12.57 7.08
C LYS D 129 12.27 -12.38 5.58
N ASP D 130 11.58 -11.32 5.18
CA ASP D 130 11.24 -11.05 3.78
C ASP D 130 10.53 -12.26 3.15
N ARG D 131 9.41 -12.64 3.78
CA ARG D 131 8.64 -13.79 3.34
C ARG D 131 7.16 -13.49 3.51
N GLU D 132 6.33 -14.16 2.71
CA GLU D 132 4.89 -13.98 2.82
C GLU D 132 4.32 -14.67 4.05
N SER D 133 5.03 -15.66 4.59
CA SER D 133 4.58 -16.36 5.80
C SER D 133 5.79 -17.03 6.43
N PHE D 134 5.78 -17.08 7.76
CA PHE D 134 6.85 -17.71 8.53
C PHE D 134 6.23 -18.51 9.66
N PRO D 135 6.89 -19.58 10.10
CA PRO D 135 6.37 -20.35 11.25
C PRO D 135 6.21 -19.48 12.48
N MET D 136 4.98 -19.41 12.97
CA MET D 136 4.66 -18.68 14.20
C MET D 136 3.36 -19.25 14.74
N ILE D 137 3.01 -18.83 15.95
CA ILE D 137 1.77 -19.26 16.58
C ILE D 137 1.32 -18.18 17.57
N LEU D 138 0.05 -17.82 17.51
CA LEU D 138 -0.51 -16.79 18.37
C LEU D 138 -0.79 -17.39 19.75
N VAL D 139 -0.19 -16.81 20.78
CA VAL D 139 -0.31 -17.32 22.15
C VAL D 139 -1.10 -16.32 22.97
N ALA D 140 -2.22 -16.78 23.54
CA ALA D 140 -3.05 -15.96 24.41
C ALA D 140 -2.80 -16.40 25.85
N ASN D 141 -1.99 -15.61 26.56
CA ASN D 141 -1.56 -15.96 27.91
C ASN D 141 -2.52 -15.38 28.95
N LYS D 142 -2.38 -15.88 30.18
CA LYS D 142 -3.13 -15.42 31.35
C LYS D 142 -4.62 -15.76 31.27
N VAL D 143 -4.96 -16.87 30.61
CA VAL D 143 -6.35 -17.31 30.56
C VAL D 143 -6.85 -17.82 31.90
N ASP D 144 -5.97 -17.97 32.89
CA ASP D 144 -6.39 -18.32 34.24
C ASP D 144 -7.12 -17.17 34.92
N LEU D 145 -6.95 -15.95 34.43
CA LEU D 145 -7.64 -14.78 34.98
C LEU D 145 -8.96 -14.58 34.21
N MET D 146 -9.87 -15.54 34.42
CA MET D 146 -11.15 -15.51 33.72
C MET D 146 -11.94 -14.25 34.04
N HIS D 147 -11.95 -13.85 35.32
CA HIS D 147 -12.72 -12.68 35.76
C HIS D 147 -12.12 -11.36 35.29
N LEU D 148 -10.95 -11.38 34.63
CA LEU D 148 -10.33 -10.17 34.12
C LEU D 148 -10.07 -10.24 32.62
N ARG D 149 -10.66 -11.21 31.92
CA ARG D 149 -10.37 -11.42 30.51
C ARG D 149 -11.01 -10.33 29.68
N LYS D 150 -10.21 -9.63 28.88
CA LYS D 150 -10.69 -8.59 27.98
C LYS D 150 -10.65 -9.00 26.52
N ILE D 151 -9.65 -9.76 26.10
CA ILE D 151 -9.58 -10.29 24.75
C ILE D 151 -10.24 -11.65 24.72
N THR D 152 -11.20 -11.82 23.82
CA THR D 152 -12.05 -13.01 23.79
C THR D 152 -11.43 -14.11 22.94
N ARG D 153 -11.92 -15.34 23.15
CA ARG D 153 -11.43 -16.47 22.39
C ARG D 153 -11.78 -16.33 20.91
N GLU D 154 -12.98 -15.83 20.61
CA GLU D 154 -13.35 -15.57 19.21
C GLU D 154 -12.44 -14.51 18.60
N GLN D 155 -12.04 -13.51 19.40
CA GLN D 155 -11.10 -12.50 18.92
C GLN D 155 -9.76 -13.13 18.54
N GLY D 156 -9.18 -13.91 19.46
CA GLY D 156 -7.88 -14.51 19.20
C GLY D 156 -7.90 -15.48 18.04
N LYS D 157 -8.98 -16.28 17.93
CA LYS D 157 -9.11 -17.17 16.79
C LYS D 157 -9.29 -16.40 15.49
N GLU D 158 -10.04 -15.30 15.52
CA GLU D 158 -10.20 -14.49 14.32
C GLU D 158 -8.87 -13.88 13.88
N MET D 159 -8.06 -13.43 14.85
CA MET D 159 -6.76 -12.87 14.52
C MET D 159 -5.82 -13.93 13.97
N ALA D 160 -5.89 -15.15 14.53
CA ALA D 160 -5.04 -16.23 14.04
C ALA D 160 -5.49 -16.70 12.66
N THR D 161 -6.81 -16.81 12.45
CA THR D 161 -7.31 -17.19 11.13
C THR D 161 -6.94 -16.16 10.07
N LYS D 162 -6.95 -14.88 10.45
CA LYS D 162 -6.61 -13.82 9.51
C LYS D 162 -5.17 -13.96 9.02
N HIS D 163 -4.24 -14.21 9.94
CA HIS D 163 -2.84 -14.38 9.61
C HIS D 163 -2.49 -15.81 9.23
N ASN D 164 -3.46 -16.74 9.30
CA ASN D 164 -3.25 -18.14 8.94
C ASN D 164 -2.16 -18.77 9.80
N ILE D 165 -2.30 -18.62 11.12
CA ILE D 165 -1.31 -19.15 12.06
C ILE D 165 -2.07 -19.86 13.19
N PRO D 166 -1.42 -20.81 13.86
CA PRO D 166 -2.09 -21.51 14.96
C PRO D 166 -2.39 -20.59 16.13
N TYR D 167 -3.39 -21.00 16.91
CA TYR D 167 -3.84 -20.29 18.09
C TYR D 167 -3.82 -21.23 19.28
N ILE D 168 -3.27 -20.78 20.40
CA ILE D 168 -3.24 -21.57 21.63
C ILE D 168 -3.42 -20.63 22.81
N GLU D 169 -4.07 -21.14 23.85
CA GLU D 169 -4.29 -20.41 25.09
C GLU D 169 -3.43 -21.03 26.18
N THR D 170 -2.60 -20.21 26.82
CA THR D 170 -1.63 -20.69 27.79
C THR D 170 -1.81 -20.00 29.13
N SER D 171 -1.24 -20.62 30.16
CA SER D 171 -1.16 -20.02 31.48
C SER D 171 0.17 -20.43 32.10
N ALA D 172 0.98 -19.46 32.50
CA ALA D 172 2.26 -19.74 33.13
C ALA D 172 2.16 -19.90 34.63
N LYS D 173 1.12 -19.35 35.25
CA LYS D 173 0.91 -19.52 36.68
C LYS D 173 0.66 -20.98 37.01
N ASP D 174 1.20 -21.42 38.15
CA ASP D 174 1.01 -22.81 38.56
C ASP D 174 -0.44 -23.03 38.99
N PRO D 175 -1.10 -24.09 38.50
CA PRO D 175 -0.56 -25.07 37.55
C PRO D 175 -0.61 -24.57 36.10
N PRO D 176 0.45 -24.79 35.34
CA PRO D 176 0.52 -24.23 33.99
C PRO D 176 -0.45 -24.93 33.04
N LEU D 177 -0.73 -24.25 31.94
CA LEU D 177 -1.62 -24.76 30.91
C LEU D 177 -0.98 -24.52 29.54
N ASN D 178 -0.78 -25.61 28.79
CA ASN D 178 -0.41 -25.55 27.38
C ASN D 178 0.94 -24.85 27.15
N VAL D 179 1.80 -24.83 28.16
CA VAL D 179 3.11 -24.20 27.99
C VAL D 179 3.99 -25.02 27.05
N ASP D 180 4.17 -26.31 27.36
CA ASP D 180 4.94 -27.18 26.48
C ASP D 180 4.31 -27.25 25.10
N LYS D 181 2.98 -27.39 25.04
CA LYS D 181 2.30 -27.54 23.76
C LYS D 181 2.51 -26.31 22.87
N ALA D 182 2.55 -25.12 23.47
CA ALA D 182 2.75 -23.90 22.69
C ALA D 182 4.10 -23.92 21.99
N PHE D 183 5.16 -24.27 22.73
CA PHE D 183 6.47 -24.38 22.11
C PHE D 183 6.54 -25.59 21.17
N HIS D 184 5.94 -26.70 21.57
CA HIS D 184 5.97 -27.90 20.72
C HIS D 184 5.24 -27.68 19.41
N ASP D 185 4.09 -26.97 19.46
CA ASP D 185 3.32 -26.75 18.24
C ASP D 185 4.06 -25.85 17.26
N LEU D 186 4.91 -24.95 17.76
CA LEU D 186 5.73 -24.15 16.86
C LEU D 186 6.81 -25.01 16.20
N VAL D 187 7.44 -25.90 16.96
CA VAL D 187 8.45 -26.79 16.40
C VAL D 187 7.82 -27.68 15.34
N ARG D 188 6.60 -28.17 15.60
CA ARG D 188 5.88 -28.94 14.60
C ARG D 188 5.74 -28.16 13.30
N VAL D 189 5.21 -26.93 13.38
CA VAL D 189 5.06 -26.08 12.20
C VAL D 189 6.38 -25.95 11.45
N ILE D 190 7.48 -25.81 12.19
CA ILE D 190 8.78 -25.72 11.54
C ILE D 190 9.14 -27.05 10.86
N ARG D 191 8.68 -28.17 11.41
CA ARG D 191 9.03 -29.47 10.85
C ARG D 191 8.20 -29.80 9.60
N GLN D 192 6.92 -29.43 9.58
CA GLN D 192 6.07 -29.69 8.42
C GLN D 192 6.29 -28.71 7.29
N GLN D 193 7.35 -27.91 7.33
CA GLN D 193 7.65 -26.98 6.24
C GLN D 193 8.11 -27.73 4.99
MG MG E . -10.92 9.35 -31.67
PB GDP F . -8.83 7.02 -32.36
O1B GDP F . -8.95 5.63 -31.79
O2B GDP F . -10.21 7.59 -32.57
O3B GDP F . -8.03 7.89 -31.42
O3A GDP F . -8.07 6.94 -33.78
PA GDP F . -8.09 8.17 -34.82
O1A GDP F . -8.01 9.49 -34.13
O2A GDP F . -9.32 8.09 -35.69
O5' GDP F . -6.77 7.87 -35.70
C5' GDP F . -5.48 8.23 -35.21
C4' GDP F . -4.55 8.46 -36.39
O4' GDP F . -4.53 7.28 -37.20
C3' GDP F . -5.08 9.60 -37.25
O3' GDP F . -4.02 10.52 -37.50
C2' GDP F . -5.53 8.95 -38.55
O2' GDP F . -5.14 9.76 -39.66
C1' GDP F . -4.83 7.60 -38.56
N9 GDP F . -5.71 6.54 -39.11
C8 GDP F . -6.93 6.20 -38.66
N7 GDP F . -7.45 5.18 -39.39
C5 GDP F . -6.55 4.85 -40.32
C6 GDP F . -6.45 3.84 -41.41
O6 GDP F . -7.39 3.05 -41.64
N1 GDP F . -5.33 3.83 -42.16
C2 GDP F . -4.31 4.68 -41.94
N2 GDP F . -3.23 4.60 -42.74
N3 GDP F . -4.33 5.62 -40.96
C4 GDP F . -5.40 5.74 -40.14
C1 PGE G . -5.85 -2.30 -48.03
O1 PGE G . -6.37 -3.16 -49.04
C2 PGE G . -6.10 -0.87 -48.42
O2 PGE G . -7.49 -0.61 -48.36
C3 PGE G . -7.99 0.04 -49.51
C4 PGE G . -8.94 -0.89 -50.24
O4 PGE G . -7.11 -3.15 -53.17
C6 PGE G . -8.46 -2.71 -53.19
C5 PGE G . -8.98 -2.68 -51.77
O3 PGE G . -8.17 -1.79 -51.01
O1 PG4 H . -6.44 -10.47 -47.84
C1 PG4 H . -6.40 -9.24 -48.56
C2 PG4 H . -6.42 -8.07 -47.63
O2 PG4 H . -6.47 -6.87 -48.39
C3 PG4 H . -5.19 -6.32 -48.65
C4 PG4 H . -4.89 -6.39 -50.11
O3 PG4 H . -3.54 -6.05 -50.34
C5 PG4 H . -3.49 -4.64 -50.55
C6 PG4 H . -3.84 -4.35 -51.97
O4 PG4 H . -3.55 -2.98 -52.24
C7 PG4 H . -2.13 -2.86 -52.33
C8 PG4 H . -1.75 -1.41 -52.37
O5 PG4 H . -0.35 -1.29 -52.28
MG MG I . 10.75 -6.54 -19.80
PB GDP J . 10.15 -3.90 -21.39
O1B GDP J . 9.41 -2.81 -20.67
O2B GDP J . 11.04 -4.63 -20.41
O3B GDP J . 9.17 -4.86 -22.02
O3A GDP J . 11.08 -3.23 -22.53
PA GDP J . 12.36 -3.99 -23.15
O1A GDP J . 12.06 -5.44 -23.47
O2A GDP J . 13.54 -3.88 -22.21
O5' GDP J . 12.61 -3.13 -24.48
C5' GDP J . 11.78 -3.33 -25.62
C4' GDP J . 12.56 -2.96 -26.87
O4' GDP J . 13.07 -1.63 -26.74
C3' GDP J . 13.77 -3.87 -27.00
O3' GDP J . 13.87 -4.32 -28.35
C2' GDP J . 14.97 -3.02 -26.63
O2' GDP J . 16.08 -3.36 -27.46
C1' GDP J . 14.49 -1.60 -26.89
N9 GDP J . 15.05 -0.63 -25.92
C8 GDP J . 14.96 -0.69 -24.58
N7 GDP J . 15.57 0.38 -24.00
C5 GDP J . 16.05 1.15 -24.99
C6 GDP J . 16.80 2.43 -25.09
O6 GDP J . 17.14 3.06 -24.07
N1 GDP J . 17.10 2.89 -26.32
C2 GDP J . 16.76 2.23 -27.44
N2 GDP J . 17.09 2.76 -28.64
N3 GDP J . 16.07 1.06 -27.42
C4 GDP J . 15.70 0.48 -26.25
C1 PGE K . 20.31 16.06 -22.92
O1 PGE K . 19.52 16.94 -23.70
C2 PGE K . 20.65 14.84 -23.76
O2 PGE K . 21.96 14.99 -24.27
C3 PGE K . 22.02 15.85 -25.39
C4 PGE K . 21.38 15.17 -26.59
O4 PGE K . 23.43 12.43 -28.93
C6 PGE K . 24.17 13.42 -28.21
C5 PGE K . 23.25 14.57 -27.90
O3 PGE K . 22.22 14.13 -27.03
MG MG L . -9.74 8.54 21.18
PB GDP M . -8.21 7.79 23.97
O1B GDP M . -6.73 7.99 24.05
O2B GDP M . -8.81 8.91 23.16
O3B GDP M . -8.51 6.45 23.33
O3A GDP M . -8.83 7.83 25.46
PA GDP M . -10.42 7.91 25.71
O1A GDP M . -11.19 7.17 24.65
O2A GDP M . -10.84 9.35 25.78
O5' GDP M . -10.57 7.20 27.15
C5' GDP M . -10.73 5.77 27.23
C4' GDP M . -11.49 5.44 28.51
O4' GDP M . -10.87 6.09 29.61
C3' GDP M . -12.92 5.94 28.42
O3' GDP M . -13.81 4.91 28.86
C2' GDP M . -12.99 7.12 29.37
O2' GDP M . -14.25 7.14 30.04
C1' GDP M . -11.83 6.88 30.32
N9 GDP M . -11.19 8.15 30.74
C8 GDP M . -10.68 9.09 29.93
N7 GDP M . -10.14 10.12 30.65
C5 GDP M . -10.32 9.83 31.96
C6 GDP M . -9.99 10.48 33.25
O6 GDP M . -9.41 11.58 33.29
N1 GDP M . -10.35 9.84 34.37
C2 GDP M . -10.97 8.65 34.37
N2 GDP M . -11.30 8.08 35.55
N3 GDP M . -11.29 8.00 33.22
C4 GDP M . -11.00 8.53 32.01
C1 PEG N . -7.94 15.20 41.81
O1 PEG N . -8.65 14.75 40.67
C2 PEG N . -8.67 16.30 42.52
O2 PEG N . -8.87 17.38 41.64
C3 PEG N . -9.97 18.21 42.02
C4 PEG N . -10.76 18.58 40.81
O4 PEG N . -11.24 17.43 40.12
O1 PG4 O . -4.14 16.79 43.86
C1 PG4 O . -5.30 16.02 44.16
C2 PG4 O . -5.16 15.32 45.46
O2 PG4 O . -6.38 14.64 45.77
C3 PG4 O . -7.42 15.52 46.14
C4 PG4 O . -8.55 14.76 46.74
O3 PG4 O . -9.30 14.11 45.72
C5 PG4 O . -10.28 13.31 46.37
C6 PG4 O . -11.63 13.95 46.24
O4 PG4 O . -11.71 15.09 47.09
C7 PG4 O . -11.99 14.61 48.40
C8 PG4 O . -13.42 14.19 48.48
O5 PG4 O . -13.72 13.75 49.80
MG MG P . 10.18 -10.60 30.88
PB GDP Q . 7.08 -10.45 30.35
O1B GDP Q . 6.55 -10.33 28.94
O2B GDP Q . 8.21 -11.44 30.35
O3B GDP Q . 7.56 -9.10 30.82
O3A GDP Q . 5.90 -10.98 31.30
PA GDP Q . 6.20 -11.53 32.78
O1A GDP Q . 7.28 -10.74 33.47
O2A GDP Q . 6.58 -13.01 32.73
O5' GDP Q . 4.78 -11.36 33.50
C5' GDP Q . 4.43 -10.11 34.10
C4' GDP Q . 3.54 -10.38 35.31
O4' GDP Q . 2.44 -11.18 34.90
C3' GDP Q . 4.31 -11.15 36.36
O3' GDP Q . 4.21 -10.49 37.61
C2' GDP Q . 3.64 -12.51 36.44
O2' GDP Q . 3.46 -12.89 37.81
C1' GDP Q . 2.31 -12.34 35.73
N9 GDP Q . 2.01 -13.50 34.85
C8 GDP Q . 2.79 -13.98 33.88
N7 GDP Q . 2.21 -15.04 33.26
C5 GDP Q . 1.02 -15.25 33.85
C6 GDP Q . -0.11 -16.20 33.69
O6 GDP Q . -0.07 -17.11 32.83
N1 GDP Q . -1.16 -16.07 34.51
C2 GDP Q . -1.22 -15.11 35.46
N2 GDP Q . -2.32 -15.05 36.24
N3 GDP Q . -0.23 -14.21 35.65
C4 GDP Q . 0.89 -14.23 34.90
#